data_6P9I
#
_entry.id   6P9I
#
_cell.length_a   49.590
_cell.length_b   99.874
_cell.length_c   93.877
_cell.angle_alpha   90.00
_cell.angle_beta   96.32
_cell.angle_gamma   90.00
#
_symmetry.space_group_name_H-M   'P 1 21 1'
#
loop_
_entity.id
_entity.type
_entity.pdbx_description
1 polymer 'human anti staphylococcus aureus antibody STAU-399 Fab heavy chain'
2 polymer 'human anti staphylococcus aureus antibody STAU-399 Fab light chain'
3 water water
#
loop_
_entity_poly.entity_id
_entity_poly.type
_entity_poly.pdbx_seq_one_letter_code
_entity_poly.pdbx_strand_id
1 'polypeptide(L)'
;QVQLVQSGAEVKKPGSSLKVSCKVSGGNLRSYGISWVRQAPGQGLEWMGVIIPIFGTPTYAQKFQGRVTLAADDSNNIVF
MELSSLRSEDTAVYYCARDWPSITVAVDATNYGMDVWGQGTLVTVSSASFKGPSVFPLAPSSKSTSGGTAALGCLVKDYF
PEPVTVSWNSGALTSGVHTFPAVLQSSGLYSLSSVVTVPSSSLGTQTYICNVNHKPSNTKVDKKVEPK
;
A,C
2 'polypeptide(L)'
;QSALTQPRSVSGSPGQSVTISCTGTSNDVGYYDHVSWYQQHPGKAPKFIIYDVSKRPSGVPDRFSGSKSDNTASLTISGL
QAEDEADYYCCSFAGSYTYVFGTGTKVTVLGQPKANPTVTLFPPSSEELQANKATLVCLISDFYPGAVTVAWKADGSPVK
AGVETTKPSKQSNNKYAASSYLSLTPEQWKSHRSYSCQVTHEGSTVEKTVAPTECS
;
B,D
#
# COMPACT_ATOMS: atom_id res chain seq x y z
N GLN A 1 24.91 13.30 -0.58
CA GLN A 1 23.53 13.54 -0.97
C GLN A 1 22.59 12.51 -0.35
N VAL A 2 22.40 12.59 0.96
CA VAL A 2 21.52 11.68 1.66
C VAL A 2 20.07 12.05 1.39
N GLN A 3 19.24 11.05 1.14
CA GLN A 3 17.82 11.25 0.87
C GLN A 3 16.98 10.31 1.73
N LEU A 4 15.82 10.78 2.15
CA LEU A 4 14.88 10.00 2.94
C LEU A 4 13.64 9.74 2.10
N VAL A 5 13.30 8.46 1.92
CA VAL A 5 12.15 8.04 1.12
C VAL A 5 11.14 7.38 2.05
N GLN A 6 9.94 7.94 2.09
CA GLN A 6 8.89 7.46 2.98
C GLN A 6 7.87 6.63 2.21
N SER A 7 7.09 5.85 2.95
CA SER A 7 6.08 5.00 2.35
C SER A 7 4.92 5.83 1.79
N GLY A 8 4.01 5.15 1.08
CA GLY A 8 2.94 5.84 0.40
C GLY A 8 1.77 6.21 1.31
N ALA A 9 0.84 6.96 0.74
CA ALA A 9 -0.33 7.42 1.48
C ALA A 9 -1.20 6.25 1.91
N GLU A 10 -2.08 6.51 2.87
CA GLU A 10 -2.88 5.45 3.47
C GLU A 10 -4.17 6.03 4.03
N VAL A 11 -5.25 5.27 3.90
CA VAL A 11 -6.54 5.58 4.52
C VAL A 11 -6.86 4.46 5.51
N LYS A 12 -7.14 4.84 6.75
CA LYS A 12 -7.41 3.86 7.80
C LYS A 12 -8.59 4.31 8.64
N LYS A 13 -9.28 3.33 9.22
CA LYS A 13 -10.45 3.55 10.05
C LYS A 13 -10.03 3.81 11.50
N PRO A 14 -10.89 4.47 12.28
CA PRO A 14 -10.56 4.70 13.70
C PRO A 14 -10.42 3.38 14.44
N GLY A 15 -9.40 3.31 15.30
CA GLY A 15 -9.10 2.12 16.06
C GLY A 15 -8.02 1.24 15.45
N SER A 16 -7.67 1.46 14.18
CA SER A 16 -6.64 0.68 13.53
C SER A 16 -5.25 1.21 13.91
N SER A 17 -4.21 0.61 13.33
CA SER A 17 -2.84 0.97 13.62
C SER A 17 -2.14 1.42 12.34
N LEU A 18 -1.34 2.48 12.46
CA LEU A 18 -0.57 3.04 11.36
C LEU A 18 0.86 2.51 11.41
N LYS A 19 1.46 2.35 10.22
CA LYS A 19 2.87 1.96 10.12
C LYS A 19 3.47 2.64 8.91
N VAL A 20 4.41 3.56 9.17
CA VAL A 20 5.09 4.32 8.12
C VAL A 20 6.58 4.01 8.21
N SER A 21 7.22 3.91 7.05
CA SER A 21 8.64 3.58 6.96
C SER A 21 9.42 4.73 6.38
N CYS A 22 10.66 4.88 6.83
CA CYS A 22 11.58 5.90 6.35
C CYS A 22 12.87 5.24 5.90
N LYS A 23 13.15 5.27 4.60
CA LYS A 23 14.30 4.60 4.02
C LYS A 23 15.39 5.62 3.70
N VAL A 24 16.60 5.36 4.19
CA VAL A 24 17.74 6.24 3.98
C VAL A 24 18.54 5.75 2.79
N SER A 25 18.93 6.68 1.91
CA SER A 25 19.78 6.39 0.77
C SER A 25 20.93 7.39 0.75
N GLY A 26 22.10 6.91 0.35
CA GLY A 26 23.28 7.76 0.30
C GLY A 26 24.08 7.80 1.59
N GLY A 27 23.73 7.00 2.59
CA GLY A 27 24.46 6.99 3.84
C GLY A 27 23.97 5.84 4.70
N ASN A 28 24.72 5.59 5.77
CA ASN A 28 24.42 4.50 6.68
C ASN A 28 23.56 5.00 7.83
N LEU A 29 22.46 4.28 8.10
CA LEU A 29 21.54 4.69 9.15
C LEU A 29 22.17 4.59 10.54
N ARG A 30 23.10 3.65 10.72
CA ARG A 30 23.74 3.46 12.02
C ARG A 30 24.49 4.71 12.48
N SER A 31 24.91 5.57 11.55
CA SER A 31 25.57 6.82 11.90
C SER A 31 24.60 7.96 12.13
N TYR A 32 23.31 7.77 11.87
CA TYR A 32 22.32 8.84 11.91
C TYR A 32 21.29 8.58 13.01
N GLY A 33 20.49 9.61 13.28
CA GLY A 33 19.29 9.48 14.06
C GLY A 33 18.12 9.98 13.24
N ILE A 34 16.90 9.53 13.55
CA ILE A 34 15.73 9.87 12.74
C ILE A 34 14.64 10.37 13.68
N SER A 35 14.16 11.59 13.42
CA SER A 35 13.01 12.15 14.11
C SER A 35 11.76 11.98 13.25
N TRP A 36 10.60 12.03 13.91
CA TRP A 36 9.32 11.94 13.23
C TRP A 36 8.47 13.13 13.63
N VAL A 37 8.00 13.88 12.64
CA VAL A 37 7.20 15.09 12.84
C VAL A 37 5.96 14.98 11.97
N ARG A 38 4.80 15.23 12.55
CA ARG A 38 3.54 15.20 11.83
C ARG A 38 2.92 16.59 11.77
N GLN A 39 2.06 16.79 10.78
CA GLN A 39 1.43 18.09 10.53
C GLN A 39 0.01 17.85 10.05
N ALA A 40 -0.97 18.22 10.89
CA ALA A 40 -2.35 18.13 10.51
C ALA A 40 -2.65 19.07 9.35
N PRO A 41 -3.68 18.76 8.54
CA PRO A 41 -4.01 19.63 7.40
C PRO A 41 -4.25 21.07 7.84
N GLY A 42 -3.46 21.99 7.26
CA GLY A 42 -3.58 23.39 7.60
C GLY A 42 -3.09 23.78 8.97
N GLN A 43 -2.34 22.91 9.64
CA GLN A 43 -1.85 23.18 10.98
C GLN A 43 -0.32 23.17 10.98
N GLY A 44 0.27 23.15 12.18
CA GLY A 44 1.69 23.29 12.33
C GLY A 44 2.41 21.96 12.57
N LEU A 45 3.74 22.04 12.58
CA LEU A 45 4.57 20.87 12.81
C LEU A 45 4.50 20.43 14.26
N GLU A 46 4.55 19.11 14.49
CA GLU A 46 4.49 18.55 15.82
C GLU A 46 5.49 17.41 15.92
N TRP A 47 6.49 17.58 16.79
CA TRP A 47 7.48 16.53 17.01
C TRP A 47 6.85 15.38 17.81
N MET A 48 7.10 14.16 17.36
CA MET A 48 6.54 12.96 18.00
C MET A 48 7.57 12.11 18.70
N GLY A 49 8.76 11.94 18.12
CA GLY A 49 9.77 11.09 18.73
C GLY A 49 11.02 11.08 17.88
N VAL A 50 12.04 10.42 18.42
CA VAL A 50 13.33 10.29 17.75
C VAL A 50 13.94 8.96 18.14
N ILE A 51 14.66 8.34 17.20
CA ILE A 51 15.36 7.09 17.44
C ILE A 51 16.80 7.23 16.96
N ILE A 52 17.74 6.80 17.79
CA ILE A 52 19.14 6.69 17.41
C ILE A 52 19.54 5.22 17.56
N PRO A 53 19.65 4.50 16.45
CA PRO A 53 19.87 3.04 16.54
C PRO A 53 21.10 2.64 17.33
N ILE A 54 22.19 3.41 17.23
CA ILE A 54 23.41 3.07 17.97
C ILE A 54 23.30 3.36 19.45
N PHE A 55 22.30 4.14 19.88
CA PHE A 55 22.13 4.50 21.27
C PHE A 55 20.98 3.78 21.96
N GLY A 56 20.29 2.88 21.26
CA GLY A 56 19.31 2.04 21.91
C GLY A 56 17.86 2.49 21.79
N THR A 57 17.14 2.42 22.90
CA THR A 57 15.69 2.64 22.88
C THR A 57 15.37 4.09 22.53
N PRO A 58 14.35 4.32 21.71
CA PRO A 58 14.01 5.69 21.29
C PRO A 58 13.24 6.43 22.37
N THR A 59 13.03 7.72 22.10
CA THR A 59 12.29 8.61 22.98
C THR A 59 11.07 9.15 22.25
N TYR A 60 9.96 9.28 22.96
CA TYR A 60 8.71 9.75 22.39
C TYR A 60 8.20 10.97 23.13
N ALA A 61 7.50 11.85 22.39
CA ALA A 61 6.83 12.98 23.02
C ALA A 61 5.73 12.47 23.95
N GLN A 62 5.42 13.26 24.97
CA GLN A 62 4.55 12.78 26.04
C GLN A 62 3.14 12.49 25.54
N LYS A 63 2.62 13.33 24.65
CA LYS A 63 1.26 13.12 24.16
C LYS A 63 1.12 11.87 23.29
N PHE A 64 2.23 11.27 22.86
CA PHE A 64 2.21 10.05 22.08
C PHE A 64 2.71 8.84 22.87
N GLN A 65 3.17 9.04 24.10
CA GLN A 65 3.61 7.93 24.93
C GLN A 65 2.44 7.00 25.22
N GLY A 66 2.57 5.74 24.82
CA GLY A 66 1.54 4.75 25.02
C GLY A 66 0.91 4.23 23.74
N ARG A 67 1.13 4.90 22.61
CA ARG A 67 0.57 4.43 21.34
C ARG A 67 1.50 4.65 20.16
N VAL A 68 2.73 5.10 20.37
CA VAL A 68 3.71 5.28 19.30
C VAL A 68 4.93 4.42 19.61
N THR A 69 5.53 3.86 18.57
CA THR A 69 6.75 3.07 18.70
C THR A 69 7.66 3.36 17.53
N LEU A 70 8.97 3.28 17.77
CA LEU A 70 9.98 3.49 16.74
C LEU A 70 10.92 2.30 16.73
N ALA A 71 11.19 1.78 15.53
CA ALA A 71 12.10 0.66 15.37
C ALA A 71 12.93 0.88 14.12
N ALA A 72 14.13 0.31 14.12
CA ALA A 72 15.08 0.49 13.03
C ALA A 72 15.55 -0.86 12.52
N ASP A 73 15.63 -0.99 11.20
CA ASP A 73 16.24 -2.14 10.54
C ASP A 73 17.58 -1.65 9.99
N ASP A 74 18.64 -1.87 10.76
CA ASP A 74 19.95 -1.31 10.42
C ASP A 74 20.44 -1.83 9.09
N SER A 75 20.22 -3.11 8.80
CA SER A 75 20.76 -3.71 7.59
C SER A 75 20.07 -3.17 6.34
N ASN A 76 18.84 -2.69 6.46
CA ASN A 76 18.09 -2.17 5.33
C ASN A 76 17.99 -0.64 5.33
N ASN A 77 18.69 0.02 6.25
CA ASN A 77 18.75 1.49 6.29
C ASN A 77 17.36 2.10 6.37
N ILE A 78 16.48 1.50 7.16
CA ILE A 78 15.08 1.89 7.23
C ILE A 78 14.62 1.89 8.68
N VAL A 79 13.79 2.86 9.03
CA VAL A 79 13.15 2.92 10.34
C VAL A 79 11.64 2.93 10.15
N PHE A 80 10.93 2.49 11.17
CA PHE A 80 9.48 2.35 11.12
C PHE A 80 8.85 3.11 12.28
N MET A 81 7.72 3.75 12.01
CA MET A 81 6.92 4.42 13.02
C MET A 81 5.54 3.78 13.05
N GLU A 82 5.10 3.37 14.23
CA GLU A 82 3.79 2.74 14.41
C GLU A 82 2.97 3.57 15.38
N LEU A 83 1.79 4.02 14.93
CA LEU A 83 0.85 4.76 15.75
C LEU A 83 -0.42 3.94 15.88
N SER A 84 -0.77 3.57 17.11
CA SER A 84 -1.88 2.67 17.38
C SER A 84 -3.11 3.42 17.85
N SER A 85 -4.26 2.74 17.78
CA SER A 85 -5.55 3.29 18.19
C SER A 85 -5.82 4.64 17.53
N LEU A 86 -5.78 4.61 16.19
CA LEU A 86 -5.90 5.84 15.42
C LEU A 86 -7.27 6.50 15.64
N ARG A 87 -7.26 7.82 15.73
CA ARG A 87 -8.46 8.62 15.80
C ARG A 87 -8.46 9.64 14.68
N SER A 88 -9.61 10.29 14.47
CA SER A 88 -9.74 11.23 13.36
C SER A 88 -8.74 12.38 13.47
N GLU A 89 -8.37 12.75 14.70
CA GLU A 89 -7.39 13.81 14.90
C GLU A 89 -5.98 13.39 14.49
N ASP A 90 -5.75 12.11 14.24
CA ASP A 90 -4.45 11.65 13.76
C ASP A 90 -4.27 11.84 12.26
N THR A 91 -5.27 12.39 11.57
CA THR A 91 -5.14 12.70 10.15
C THR A 91 -4.09 13.80 9.97
N ALA A 92 -3.00 13.47 9.30
CA ALA A 92 -1.89 14.40 9.15
C ALA A 92 -0.91 13.83 8.13
N VAL A 93 0.03 14.69 7.73
CA VAL A 93 1.20 14.25 6.96
C VAL A 93 2.31 13.94 7.94
N TYR A 94 2.90 12.75 7.82
CA TYR A 94 3.91 12.28 8.75
C TYR A 94 5.27 12.31 8.04
N TYR A 95 6.17 13.16 8.54
CA TYR A 95 7.51 13.30 7.99
C TYR A 95 8.51 12.51 8.85
N CYS A 96 9.58 12.04 8.22
CA CYS A 96 10.78 11.66 8.95
C CYS A 96 11.87 12.66 8.61
N ALA A 97 12.88 12.73 9.48
CA ALA A 97 13.91 13.74 9.34
C ALA A 97 15.19 13.25 10.02
N ARG A 98 16.31 13.35 9.32
CA ARG A 98 17.60 13.04 9.92
C ARG A 98 17.89 14.00 11.06
N ASP A 99 18.36 13.46 12.18
CA ASP A 99 18.48 14.21 13.41
C ASP A 99 19.62 13.65 14.24
N TRP A 100 20.09 14.45 15.18
CA TRP A 100 21.13 14.03 16.13
C TRP A 100 21.02 14.85 17.39
N PRO A 101 20.01 14.57 18.23
CA PRO A 101 19.88 15.30 19.52
C PRO A 101 20.89 14.79 20.54
N SER A 102 22.17 15.07 20.26
CA SER A 102 23.26 14.50 21.05
C SER A 102 24.43 15.47 21.06
N ILE A 103 25.23 15.41 22.12
CA ILE A 103 26.47 16.17 22.15
C ILE A 103 27.59 15.46 21.40
N THR A 104 27.42 14.17 21.09
CA THR A 104 28.43 13.42 20.36
C THR A 104 28.51 13.92 18.92
N VAL A 105 29.56 13.49 18.23
CA VAL A 105 29.82 13.94 16.87
C VAL A 105 28.71 13.42 15.95
N ALA A 106 28.07 14.34 15.24
CA ALA A 106 27.01 14.01 14.28
C ALA A 106 27.68 13.75 12.94
N VAL A 107 27.84 12.48 12.59
CA VAL A 107 28.50 12.11 11.35
C VAL A 107 27.62 12.53 10.17
N ASP A 108 28.17 13.38 9.30
CA ASP A 108 27.50 13.88 8.10
C ASP A 108 26.22 14.64 8.40
N ALA A 109 25.99 15.01 9.66
CA ALA A 109 24.73 15.63 10.06
C ALA A 109 25.02 16.86 10.89
N THR A 110 24.01 17.32 11.64
CA THR A 110 24.10 18.52 12.45
C THR A 110 23.53 18.24 13.83
N ASN A 111 24.28 18.62 14.87
CA ASN A 111 23.82 18.41 16.24
C ASN A 111 22.59 19.27 16.52
N TYR A 112 21.56 18.64 17.07
CA TYR A 112 20.33 19.33 17.48
C TYR A 112 19.68 20.05 16.30
N GLY A 113 19.74 19.43 15.13
CA GLY A 113 19.12 19.97 13.94
C GLY A 113 18.57 18.91 13.01
N MET A 114 17.39 19.15 12.45
CA MET A 114 16.76 18.24 11.50
C MET A 114 17.06 18.77 10.11
N ASP A 115 18.12 18.24 9.48
CA ASP A 115 18.67 18.84 8.27
C ASP A 115 18.13 18.22 6.99
N VAL A 116 17.78 16.94 7.00
CA VAL A 116 17.28 16.25 5.81
C VAL A 116 15.89 15.72 6.13
N TRP A 117 14.90 16.11 5.33
CA TRP A 117 13.51 15.73 5.54
C TRP A 117 13.02 14.82 4.42
N GLY A 118 12.13 13.90 4.78
CA GLY A 118 11.46 13.09 3.78
C GLY A 118 10.31 13.83 3.12
N GLN A 119 9.75 13.21 2.08
CA GLN A 119 8.69 13.84 1.32
C GLN A 119 7.35 13.86 2.04
N GLY A 120 7.21 13.08 3.10
CA GLY A 120 5.97 13.07 3.85
C GLY A 120 5.04 11.96 3.42
N THR A 121 4.22 11.49 4.36
CA THR A 121 3.26 10.42 4.12
C THR A 121 1.89 10.88 4.60
N LEU A 122 0.98 11.07 3.65
CA LEU A 122 -0.37 11.52 3.98
C LEU A 122 -1.17 10.37 4.56
N VAL A 123 -1.71 10.56 5.76
CA VAL A 123 -2.51 9.54 6.44
C VAL A 123 -3.86 10.16 6.79
N THR A 124 -4.94 9.52 6.33
CA THR A 124 -6.30 9.96 6.62
C THR A 124 -6.96 8.93 7.52
N VAL A 125 -7.53 9.39 8.64
CA VAL A 125 -8.25 8.53 9.57
C VAL A 125 -9.70 8.99 9.59
N SER A 126 -10.60 8.11 9.15
CA SER A 126 -12.01 8.48 9.06
C SER A 126 -12.86 7.22 9.06
N SER A 127 -14.07 7.36 9.58
CA SER A 127 -15.04 6.28 9.57
C SER A 127 -15.80 6.17 8.25
N ALA A 128 -15.61 7.12 7.34
CA ALA A 128 -16.40 7.16 6.12
C ALA A 128 -16.00 6.06 5.17
N SER A 129 -16.95 5.68 4.31
CA SER A 129 -16.69 4.68 3.28
C SER A 129 -16.31 5.35 1.97
N PHE A 130 -15.62 4.61 1.12
CA PHE A 130 -15.26 5.10 -0.20
C PHE A 130 -16.51 5.43 -1.00
N LYS A 131 -16.59 6.66 -1.50
CA LYS A 131 -17.78 7.10 -2.22
C LYS A 131 -17.37 8.13 -3.27
N GLY A 132 -17.86 7.93 -4.50
CA GLY A 132 -17.64 8.89 -5.57
C GLY A 132 -18.48 10.12 -5.37
N PRO A 133 -18.08 11.22 -5.99
CA PRO A 133 -18.78 12.49 -5.80
C PRO A 133 -19.99 12.64 -6.72
N SER A 134 -20.89 13.52 -6.30
CA SER A 134 -21.98 14.00 -7.14
C SER A 134 -21.58 15.35 -7.70
N VAL A 135 -21.72 15.51 -9.02
CA VAL A 135 -21.30 16.72 -9.72
C VAL A 135 -22.55 17.48 -10.14
N PHE A 136 -22.60 18.76 -9.79
CA PHE A 136 -23.73 19.63 -10.13
C PHE A 136 -23.24 20.85 -10.90
N PRO A 137 -23.97 21.27 -11.93
CA PRO A 137 -23.52 22.42 -12.72
C PRO A 137 -23.87 23.74 -12.05
N LEU A 138 -22.91 24.66 -12.08
CA LEU A 138 -23.10 26.04 -11.63
C LEU A 138 -23.31 26.89 -12.87
N ALA A 139 -24.57 26.99 -13.29
CA ALA A 139 -24.89 27.60 -14.57
C ALA A 139 -24.58 29.10 -14.58
N PRO A 140 -24.20 29.65 -15.72
CA PRO A 140 -24.04 31.10 -15.82
C PRO A 140 -25.38 31.81 -15.79
N SER A 141 -25.36 33.02 -15.26
CA SER A 141 -26.58 33.81 -15.08
C SER A 141 -26.28 35.25 -15.45
N SER A 142 -27.25 36.12 -15.18
CA SER A 142 -27.03 37.56 -15.33
C SER A 142 -26.26 38.14 -14.15
N LYS A 143 -26.31 37.49 -12.99
CA LYS A 143 -25.53 37.93 -11.83
C LYS A 143 -24.08 37.50 -11.93
N SER A 144 -23.77 36.48 -12.73
CA SER A 144 -22.40 36.05 -12.97
C SER A 144 -21.81 36.63 -14.24
N THR A 145 -22.55 37.50 -14.93
CA THR A 145 -22.10 38.11 -16.17
C THR A 145 -21.88 39.61 -15.95
N SER A 146 -20.73 40.12 -16.40
CA SER A 146 -20.41 41.53 -16.25
C SER A 146 -19.30 41.89 -17.23
N GLY A 147 -19.58 42.82 -18.14
CA GLY A 147 -18.57 43.33 -19.04
C GLY A 147 -18.09 42.33 -20.07
N GLY A 148 -19.01 41.60 -20.70
CA GLY A 148 -18.66 40.67 -21.75
C GLY A 148 -18.05 39.37 -21.28
N THR A 149 -18.03 39.10 -19.97
CA THR A 149 -17.52 37.86 -19.43
C THR A 149 -18.54 37.27 -18.46
N ALA A 150 -18.45 35.96 -18.26
CA ALA A 150 -19.37 35.25 -17.39
C ALA A 150 -18.63 34.13 -16.68
N ALA A 151 -19.10 33.80 -15.47
CA ALA A 151 -18.50 32.77 -14.64
C ALA A 151 -19.43 31.57 -14.55
N LEU A 152 -18.86 30.38 -14.75
CA LEU A 152 -19.60 29.14 -14.60
C LEU A 152 -18.67 28.10 -14.00
N GLY A 153 -19.26 27.08 -13.39
CA GLY A 153 -18.45 26.06 -12.75
C GLY A 153 -19.24 24.81 -12.45
N CYS A 154 -18.62 23.95 -11.64
CA CYS A 154 -19.19 22.68 -11.24
C CYS A 154 -19.03 22.49 -9.74
N LEU A 155 -20.07 21.98 -9.10
CA LEU A 155 -20.05 21.67 -7.67
C LEU A 155 -19.79 20.18 -7.51
N VAL A 156 -18.64 19.83 -6.94
CA VAL A 156 -18.25 18.44 -6.71
C VAL A 156 -18.50 18.15 -5.24
N LYS A 157 -19.56 17.40 -4.95
CA LYS A 157 -20.08 17.27 -3.59
C LYS A 157 -20.00 15.83 -3.10
N ASP A 158 -19.66 15.68 -1.82
CA ASP A 158 -19.76 14.43 -1.09
C ASP A 158 -18.95 13.30 -1.71
N TYR A 159 -17.63 13.30 -1.48
CA TYR A 159 -16.78 12.21 -1.91
C TYR A 159 -15.80 11.88 -0.80
N PHE A 160 -15.27 10.65 -0.84
CA PHE A 160 -14.27 10.20 0.11
C PHE A 160 -13.52 9.03 -0.50
N PRO A 161 -12.19 8.99 -0.41
CA PRO A 161 -11.39 10.04 0.20
C PRO A 161 -10.80 11.01 -0.82
N GLU A 162 -9.94 11.91 -0.37
CA GLU A 162 -9.20 12.76 -1.29
C GLU A 162 -8.23 11.91 -2.11
N PRO A 163 -7.87 12.36 -3.32
CA PRO A 163 -8.32 13.60 -3.98
C PRO A 163 -9.26 13.36 -5.16
N VAL A 164 -9.67 14.47 -5.79
CA VAL A 164 -10.35 14.44 -7.07
C VAL A 164 -9.62 15.41 -8.00
N THR A 165 -9.69 15.13 -9.30
CA THR A 165 -9.12 15.98 -10.32
C THR A 165 -10.22 16.54 -11.20
N VAL A 166 -10.14 17.82 -11.51
CA VAL A 166 -11.14 18.49 -12.34
C VAL A 166 -10.44 19.10 -13.55
N SER A 167 -11.02 18.89 -14.73
CA SER A 167 -10.58 19.51 -15.96
C SER A 167 -11.80 20.06 -16.68
N TRP A 168 -11.55 20.92 -17.67
CA TRP A 168 -12.61 21.52 -18.46
C TRP A 168 -12.36 21.24 -19.94
N ASN A 169 -13.37 20.68 -20.60
CA ASN A 169 -13.27 20.27 -22.00
C ASN A 169 -12.09 19.30 -22.21
N SER A 170 -12.02 18.31 -21.33
CA SER A 170 -10.99 17.27 -21.38
C SER A 170 -9.58 17.85 -21.26
N GLY A 171 -9.45 18.99 -20.61
CA GLY A 171 -8.15 19.63 -20.44
C GLY A 171 -7.82 20.66 -21.50
N ALA A 172 -8.66 20.84 -22.52
CA ALA A 172 -8.41 21.83 -23.55
C ALA A 172 -8.69 23.26 -23.08
N LEU A 173 -9.45 23.41 -22.00
CA LEU A 173 -9.79 24.72 -21.45
C LEU A 173 -9.04 24.90 -20.14
N THR A 174 -8.08 25.82 -20.12
CA THR A 174 -7.30 26.11 -18.92
C THR A 174 -7.25 27.58 -18.55
N SER A 175 -7.54 28.49 -19.48
CA SER A 175 -7.51 29.93 -19.17
C SER A 175 -8.72 30.31 -18.34
N GLY A 176 -8.48 31.03 -17.25
CA GLY A 176 -9.55 31.46 -16.36
C GLY A 176 -10.09 30.38 -15.45
N VAL A 177 -9.46 29.20 -15.41
CA VAL A 177 -9.93 28.09 -14.60
C VAL A 177 -9.28 28.16 -13.23
N HIS A 178 -10.08 27.94 -12.18
CA HIS A 178 -9.55 27.83 -10.83
C HIS A 178 -10.35 26.76 -10.09
N THR A 179 -9.65 25.73 -9.61
CA THR A 179 -10.25 24.69 -8.81
C THR A 179 -9.88 24.91 -7.35
N PHE A 180 -10.89 25.04 -6.49
CA PHE A 180 -10.67 25.36 -5.10
C PHE A 180 -10.33 24.11 -4.29
N PRO A 181 -9.58 24.26 -3.19
CA PRO A 181 -9.34 23.12 -2.31
C PRO A 181 -10.64 22.66 -1.65
N ALA A 182 -10.61 21.42 -1.18
CA ALA A 182 -11.82 20.79 -0.65
C ALA A 182 -12.06 21.20 0.80
N VAL A 183 -13.32 21.12 1.21
CA VAL A 183 -13.72 21.31 2.60
C VAL A 183 -14.15 19.95 3.16
N LEU A 184 -13.86 19.74 4.44
CA LEU A 184 -14.27 18.54 5.14
C LEU A 184 -15.54 18.86 5.93
N GLN A 185 -16.66 18.28 5.52
CA GLN A 185 -17.94 18.56 6.12
C GLN A 185 -18.19 17.66 7.33
N SER A 186 -19.26 17.97 8.06
CA SER A 186 -19.61 17.18 9.24
C SER A 186 -20.02 15.75 8.88
N SER A 187 -20.39 15.50 7.62
CA SER A 187 -20.72 14.16 7.17
C SER A 187 -19.48 13.28 6.98
N GLY A 188 -18.28 13.84 7.14
CA GLY A 188 -17.06 13.12 6.86
C GLY A 188 -16.68 13.07 5.40
N LEU A 189 -17.46 13.67 4.51
CA LEU A 189 -17.19 13.69 3.09
C LEU A 189 -16.64 15.04 2.66
N TYR A 190 -15.92 15.04 1.55
CA TYR A 190 -15.28 16.24 1.03
C TYR A 190 -16.14 16.87 -0.05
N SER A 191 -15.83 18.14 -0.35
CA SER A 191 -16.52 18.90 -1.38
C SER A 191 -15.62 20.04 -1.82
N LEU A 192 -15.57 20.27 -3.13
CA LEU A 192 -14.83 21.40 -3.68
C LEU A 192 -15.59 21.97 -4.87
N SER A 193 -15.06 23.07 -5.39
CA SER A 193 -15.62 23.75 -6.55
C SER A 193 -14.53 24.02 -7.57
N SER A 194 -14.93 24.11 -8.83
CA SER A 194 -14.04 24.51 -9.91
C SER A 194 -14.81 25.47 -10.80
N VAL A 195 -14.29 26.69 -10.94
CA VAL A 195 -14.93 27.73 -11.72
C VAL A 195 -14.03 28.14 -12.88
N VAL A 196 -14.66 28.68 -13.92
CA VAL A 196 -13.98 29.20 -15.10
C VAL A 196 -14.72 30.45 -15.57
N THR A 197 -13.97 31.53 -15.78
CA THR A 197 -14.54 32.76 -16.31
C THR A 197 -14.37 32.75 -17.83
N VAL A 198 -15.47 33.00 -18.54
CA VAL A 198 -15.57 32.69 -19.97
C VAL A 198 -16.28 33.84 -20.67
N PRO A 199 -15.87 34.21 -21.90
CA PRO A 199 -16.57 35.31 -22.59
C PRO A 199 -18.05 35.00 -22.78
N SER A 200 -18.88 36.02 -22.59
CA SER A 200 -20.32 35.84 -22.76
C SER A 200 -20.72 35.59 -24.21
N SER A 201 -19.85 35.92 -25.17
CA SER A 201 -20.17 35.70 -26.57
C SER A 201 -20.28 34.20 -26.88
N SER A 202 -19.53 33.37 -26.16
CA SER A 202 -19.46 31.95 -26.44
C SER A 202 -20.48 31.12 -25.66
N LEU A 203 -21.29 31.76 -24.81
CA LEU A 203 -22.21 31.01 -23.95
C LEU A 203 -23.24 30.25 -24.78
N GLY A 204 -23.75 30.87 -25.85
CA GLY A 204 -24.72 30.20 -26.68
C GLY A 204 -24.14 29.19 -27.65
N THR A 205 -22.85 29.27 -27.92
CA THR A 205 -22.20 28.42 -28.92
C THR A 205 -21.24 27.40 -28.31
N GLN A 206 -20.32 27.84 -27.47
CA GLN A 206 -19.28 26.96 -26.95
C GLN A 206 -19.82 26.08 -25.82
N THR A 207 -19.46 24.80 -25.86
CA THR A 207 -19.84 23.84 -24.83
C THR A 207 -18.77 23.80 -23.74
N TYR A 208 -19.21 23.75 -22.50
CA TYR A 208 -18.31 23.74 -21.34
C TYR A 208 -18.67 22.54 -20.46
N ILE A 209 -17.75 21.58 -20.37
CA ILE A 209 -17.95 20.34 -19.65
C ILE A 209 -16.82 20.17 -18.64
N CYS A 210 -17.17 19.96 -17.38
CA CYS A 210 -16.18 19.66 -16.36
C CYS A 210 -16.01 18.15 -16.24
N ASN A 211 -14.76 17.70 -16.15
CA ASN A 211 -14.42 16.29 -16.09
C ASN A 211 -13.86 16.00 -14.70
N VAL A 212 -14.61 15.21 -13.92
CA VAL A 212 -14.27 14.91 -12.53
C VAL A 212 -13.86 13.45 -12.42
N ASN A 213 -12.69 13.21 -11.84
CA ASN A 213 -12.16 11.86 -11.66
C ASN A 213 -11.89 11.63 -10.18
N HIS A 214 -12.57 10.64 -9.61
CA HIS A 214 -12.28 10.17 -8.25
C HIS A 214 -11.72 8.76 -8.38
N LYS A 215 -10.41 8.67 -8.52
CA LYS A 215 -9.76 7.37 -8.74
C LYS A 215 -9.94 6.38 -7.60
N PRO A 216 -9.97 6.78 -6.32
CA PRO A 216 -10.23 5.78 -5.27
C PRO A 216 -11.51 4.99 -5.48
N SER A 217 -12.55 5.62 -6.03
CA SER A 217 -13.81 4.95 -6.31
C SER A 217 -14.00 4.64 -7.78
N ASN A 218 -13.00 4.92 -8.62
CA ASN A 218 -13.08 4.69 -10.06
C ASN A 218 -14.31 5.35 -10.66
N THR A 219 -14.55 6.59 -10.25
CA THR A 219 -15.72 7.37 -10.71
C THR A 219 -15.23 8.48 -11.63
N LYS A 220 -15.78 8.51 -12.84
CA LYS A 220 -15.52 9.58 -13.80
C LYS A 220 -16.86 10.15 -14.25
N VAL A 221 -17.02 11.47 -14.08
CA VAL A 221 -18.28 12.14 -14.39
C VAL A 221 -17.98 13.34 -15.28
N ASP A 222 -18.69 13.43 -16.39
CA ASP A 222 -18.65 14.60 -17.27
C ASP A 222 -19.99 15.31 -17.18
N LYS A 223 -19.95 16.60 -16.87
CA LYS A 223 -21.16 17.40 -16.66
C LYS A 223 -21.11 18.63 -17.54
N LYS A 224 -22.06 18.73 -18.48
CA LYS A 224 -22.19 19.93 -19.29
C LYS A 224 -22.85 21.03 -18.47
N VAL A 225 -22.31 22.24 -18.54
CA VAL A 225 -22.80 23.39 -17.79
C VAL A 225 -23.47 24.33 -18.77
N GLU A 226 -24.78 24.45 -18.69
CA GLU A 226 -25.54 25.30 -19.60
C GLU A 226 -26.25 26.42 -18.84
N GLN B 1 4.74 19.10 25.90
CA GLN B 1 4.88 20.50 26.25
C GLN B 1 4.09 21.39 25.30
N SER B 2 3.79 22.60 25.75
CA SER B 2 3.10 23.56 24.90
C SER B 2 4.01 24.05 23.78
N ALA B 3 3.41 24.33 22.63
CA ALA B 3 4.19 24.78 21.48
C ALA B 3 4.77 26.16 21.73
N LEU B 4 5.94 26.40 21.15
CA LEU B 4 6.57 27.72 21.26
C LEU B 4 5.71 28.76 20.56
N THR B 5 5.65 29.95 21.16
CA THR B 5 4.73 30.99 20.72
C THR B 5 5.35 31.80 19.59
N GLN B 6 4.69 31.79 18.43
CA GLN B 6 5.09 32.54 17.26
C GLN B 6 3.95 33.43 16.79
N PRO B 7 4.26 34.55 16.13
CA PRO B 7 3.19 35.37 15.54
C PRO B 7 2.49 34.62 14.42
N ARG B 8 1.20 34.89 14.27
CA ARG B 8 0.40 34.19 13.26
C ARG B 8 0.88 34.53 11.85
N SER B 9 1.04 35.82 11.56
CA SER B 9 1.43 36.26 10.23
C SER B 9 2.38 37.45 10.35
N VAL B 10 3.05 37.75 9.24
CA VAL B 10 3.94 38.89 9.16
C VAL B 10 4.18 39.18 7.68
N SER B 11 4.43 40.44 7.35
CA SER B 11 4.48 40.84 5.95
C SER B 11 5.50 41.95 5.76
N GLY B 12 5.87 42.15 4.50
CA GLY B 12 6.82 43.19 4.14
C GLY B 12 7.00 43.25 2.65
N SER B 13 7.43 44.41 2.17
CA SER B 13 7.65 44.64 0.75
C SER B 13 8.99 44.06 0.32
N PRO B 14 9.18 43.83 -0.98
CA PRO B 14 10.48 43.36 -1.46
C PRO B 14 11.59 44.33 -1.08
N GLY B 15 12.67 43.79 -0.51
CA GLY B 15 13.77 44.59 -0.03
C GLY B 15 13.69 44.96 1.44
N GLN B 16 12.52 44.79 2.07
CA GLN B 16 12.37 45.10 3.48
C GLN B 16 12.92 43.98 4.35
N SER B 17 12.95 44.24 5.65
CA SER B 17 13.40 43.28 6.64
C SER B 17 12.24 42.90 7.54
N VAL B 18 12.24 41.64 7.99
CA VAL B 18 11.15 41.11 8.80
C VAL B 18 11.74 40.24 9.91
N THR B 19 11.01 40.14 11.02
CA THR B 19 11.49 39.43 12.20
C THR B 19 10.41 38.53 12.77
N ILE B 20 10.75 37.27 13.00
CA ILE B 20 9.84 36.29 13.59
C ILE B 20 10.28 36.03 15.02
N SER B 21 9.35 36.21 15.96
CA SER B 21 9.63 35.93 17.36
C SER B 21 9.25 34.50 17.72
N CYS B 22 9.96 33.92 18.68
CA CYS B 22 9.73 32.54 19.10
C CYS B 22 9.98 32.48 20.61
N THR B 23 8.91 32.43 21.39
CA THR B 23 8.98 32.53 22.84
C THR B 23 8.72 31.16 23.47
N GLY B 24 9.68 30.67 24.26
CA GLY B 24 9.52 29.44 25.00
C GLY B 24 9.62 29.66 26.50
N THR B 25 10.23 28.73 27.21
CA THR B 25 10.41 28.82 28.65
C THR B 25 11.89 28.75 28.99
N SER B 26 12.20 28.77 30.29
CA SER B 26 13.56 28.65 30.77
C SER B 26 14.08 27.22 30.74
N ASN B 27 13.27 26.27 30.28
CA ASN B 27 13.68 24.88 30.15
C ASN B 27 13.99 24.49 28.70
N ASP B 28 13.84 25.41 27.76
CA ASP B 28 14.10 25.12 26.36
C ASP B 28 14.84 26.24 25.67
N VAL B 29 14.13 27.30 25.27
CA VAL B 29 14.76 28.41 24.57
C VAL B 29 15.73 29.14 25.50
N GLY B 30 15.30 29.42 26.72
CA GLY B 30 16.15 30.08 27.69
C GLY B 30 17.18 29.21 28.38
N TYR B 31 17.17 27.91 28.10
CA TYR B 31 18.11 26.96 28.71
C TYR B 31 19.23 26.58 27.75
N TYR B 32 18.89 26.14 26.55
CA TYR B 32 19.87 25.73 25.55
C TYR B 32 20.05 26.82 24.50
N ASP B 33 21.17 26.72 23.78
CA ASP B 33 21.39 27.49 22.57
C ASP B 33 21.19 26.63 21.33
N HIS B 34 20.15 25.79 21.35
CA HIS B 34 19.87 24.88 20.24
C HIS B 34 18.51 25.17 19.62
N VAL B 35 18.33 26.39 19.12
CA VAL B 35 17.09 26.79 18.46
C VAL B 35 17.29 26.68 16.96
N SER B 36 16.41 25.94 16.30
CA SER B 36 16.47 25.74 14.86
C SER B 36 15.22 26.33 14.20
N TRP B 37 15.38 26.76 12.95
CA TRP B 37 14.30 27.33 12.16
C TRP B 37 14.11 26.52 10.88
N TYR B 38 12.88 26.51 10.38
CA TYR B 38 12.53 25.70 9.23
C TYR B 38 11.57 26.45 8.34
N GLN B 39 11.83 26.42 7.04
CA GLN B 39 11.00 27.07 6.02
C GLN B 39 10.19 26.03 5.28
N GLN B 40 8.88 26.26 5.16
CA GLN B 40 7.98 25.31 4.50
C GLN B 40 7.16 26.06 3.46
N HIS B 41 7.36 25.73 2.19
CA HIS B 41 6.54 26.26 1.11
C HIS B 41 5.28 25.42 0.96
N PRO B 42 4.23 25.96 0.36
CA PRO B 42 2.96 25.21 0.27
C PRO B 42 3.12 23.90 -0.47
N GLY B 43 2.64 22.83 0.15
CA GLY B 43 2.68 21.50 -0.45
C GLY B 43 4.04 20.84 -0.47
N LYS B 44 5.00 21.34 0.29
CA LYS B 44 6.35 20.78 0.31
C LYS B 44 6.79 20.56 1.76
N ALA B 45 7.89 19.82 1.91
CA ALA B 45 8.44 19.48 3.20
C ALA B 45 9.21 20.67 3.79
N PRO B 46 9.30 20.76 5.11
CA PRO B 46 10.09 21.85 5.72
C PRO B 46 11.55 21.78 5.32
N LYS B 47 12.20 22.94 5.34
CA LYS B 47 13.60 23.06 4.93
C LYS B 47 14.44 23.62 6.06
N PHE B 48 15.53 22.93 6.36
CA PHE B 48 16.49 23.37 7.36
C PHE B 48 17.16 24.66 6.92
N ILE B 49 17.07 25.71 7.75
CA ILE B 49 17.62 27.01 7.38
C ILE B 49 18.47 27.62 8.49
N ILE B 50 18.16 27.31 9.75
CA ILE B 50 18.86 27.88 10.89
C ILE B 50 18.99 26.82 11.97
N TYR B 51 20.14 26.81 12.66
CA TYR B 51 20.33 25.98 13.82
C TYR B 51 21.24 26.69 14.81
N ASP B 52 21.22 26.21 16.06
CA ASP B 52 22.01 26.78 17.14
C ASP B 52 21.82 28.30 17.23
N VAL B 53 20.55 28.71 17.22
CA VAL B 53 20.12 30.09 17.36
C VAL B 53 20.49 30.93 16.13
N SER B 54 21.77 30.91 15.74
CA SER B 54 22.22 31.84 14.71
C SER B 54 23.11 31.21 13.64
N LYS B 55 23.32 29.90 13.65
CA LYS B 55 24.18 29.26 12.66
C LYS B 55 23.38 28.84 11.43
N ARG B 56 23.95 29.09 10.26
CA ARG B 56 23.30 28.77 8.99
C ARG B 56 23.94 27.53 8.38
N PRO B 57 23.15 26.53 8.00
CA PRO B 57 23.71 25.38 7.27
C PRO B 57 24.22 25.81 5.90
N SER B 58 24.97 24.90 5.28
CA SER B 58 25.58 25.19 3.99
C SER B 58 24.52 25.44 2.93
N GLY B 59 24.63 26.59 2.26
CA GLY B 59 23.78 26.93 1.14
C GLY B 59 22.69 27.95 1.44
N VAL B 60 22.30 28.10 2.70
CA VAL B 60 21.25 29.05 3.06
C VAL B 60 21.80 30.46 2.98
N PRO B 61 21.14 31.40 2.30
CA PRO B 61 21.70 32.74 2.13
C PRO B 61 21.84 33.46 3.46
N ASP B 62 22.85 34.34 3.52
CA ASP B 62 23.07 35.18 4.69
C ASP B 62 21.97 36.21 4.88
N ARG B 63 20.96 36.22 4.02
CA ARG B 63 19.78 37.06 4.23
C ARG B 63 19.06 36.68 5.52
N PHE B 64 19.12 35.41 5.91
CA PHE B 64 18.50 34.93 7.13
C PHE B 64 19.49 34.97 8.28
N SER B 65 19.04 35.46 9.43
CA SER B 65 19.86 35.54 10.62
C SER B 65 19.01 35.26 11.86
N GLY B 66 19.66 34.76 12.90
CA GLY B 66 18.98 34.40 14.12
C GLY B 66 19.60 35.05 15.33
N SER B 67 18.82 35.14 16.40
CA SER B 67 19.27 35.74 17.64
C SER B 67 18.38 35.24 18.77
N LYS B 68 18.86 35.42 20.00
CA LYS B 68 18.13 34.98 21.17
C LYS B 68 18.28 36.00 22.29
N SER B 69 17.20 36.15 23.06
CA SER B 69 17.20 37.05 24.21
C SER B 69 16.23 36.48 25.25
N ASP B 70 16.76 36.09 26.41
CA ASP B 70 16.00 35.46 27.50
C ASP B 70 15.37 34.19 26.94
N ASN B 71 14.04 34.04 26.98
CA ASN B 71 13.37 32.86 26.46
C ASN B 71 12.76 33.10 25.09
N THR B 72 13.28 34.06 24.33
CA THR B 72 12.70 34.43 23.04
C THR B 72 13.78 34.40 21.97
N ALA B 73 13.64 33.47 21.03
CA ALA B 73 14.49 33.44 19.84
C ALA B 73 13.82 34.22 18.72
N SER B 74 14.64 34.71 17.80
CA SER B 74 14.13 35.55 16.71
C SER B 74 14.86 35.23 15.42
N LEU B 75 14.10 35.20 14.32
CA LEU B 75 14.62 34.99 12.98
C LEU B 75 14.37 36.24 12.16
N THR B 76 15.42 36.73 11.50
CA THR B 76 15.36 37.95 10.71
C THR B 76 15.65 37.63 9.26
N ILE B 77 14.75 38.04 8.37
CA ILE B 77 14.94 37.94 6.92
C ILE B 77 15.20 39.36 6.41
N SER B 78 16.43 39.63 5.98
CA SER B 78 16.85 40.98 5.61
C SER B 78 16.96 41.07 4.09
N GLY B 79 15.98 41.74 3.48
CA GLY B 79 15.95 41.87 2.03
C GLY B 79 14.96 40.93 1.39
N LEU B 80 13.69 41.05 1.79
CA LEU B 80 12.66 40.09 1.39
C LEU B 80 12.59 39.95 -0.13
N GLN B 81 12.48 38.71 -0.58
CA GLN B 81 12.29 38.39 -1.98
C GLN B 81 11.05 37.50 -2.11
N ALA B 82 10.57 37.35 -3.35
CA ALA B 82 9.35 36.59 -3.59
C ALA B 82 9.50 35.14 -3.13
N GLU B 83 10.71 34.59 -3.19
CA GLU B 83 10.94 33.22 -2.77
C GLU B 83 10.79 33.03 -1.26
N ASP B 84 10.93 34.11 -0.48
CA ASP B 84 10.87 34.01 0.97
C ASP B 84 9.45 33.86 1.50
N GLU B 85 8.43 34.05 0.67
CA GLU B 85 7.04 33.94 1.10
C GLU B 85 6.73 32.48 1.39
N ALA B 86 6.70 32.12 2.66
CA ALA B 86 6.47 30.74 3.09
C ALA B 86 6.12 30.75 4.57
N ASP B 87 5.89 29.55 5.11
CA ASP B 87 5.68 29.37 6.54
C ASP B 87 7.01 29.07 7.22
N TYR B 88 7.18 29.59 8.43
CA TYR B 88 8.43 29.45 9.17
C TYR B 88 8.13 28.94 10.57
N TYR B 89 8.83 27.88 10.97
CA TYR B 89 8.66 27.24 12.27
C TYR B 89 9.97 27.28 13.04
N CYS B 90 9.90 27.69 14.30
CA CYS B 90 11.05 27.56 15.17
C CYS B 90 10.98 26.24 15.93
N CYS B 91 12.12 25.85 16.51
CA CYS B 91 12.21 24.60 17.24
C CYS B 91 13.37 24.68 18.20
N SER B 92 13.18 24.12 19.41
CA SER B 92 14.21 24.17 20.43
C SER B 92 14.31 22.81 21.10
N PHE B 93 15.55 22.37 21.33
CA PHE B 93 15.79 21.18 22.14
C PHE B 93 15.21 21.38 23.53
N ALA B 94 14.48 20.38 24.03
CA ALA B 94 13.79 20.47 25.31
C ALA B 94 14.33 19.51 26.34
N GLY B 95 15.49 18.90 26.11
CA GLY B 95 16.06 18.01 27.09
C GLY B 95 15.59 16.58 26.95
N SER B 96 16.49 15.65 27.25
CA SER B 96 16.20 14.22 27.24
C SER B 96 15.66 13.77 25.87
N TYR B 97 16.36 14.18 24.81
CA TYR B 97 16.07 13.75 23.44
C TYR B 97 14.66 14.15 23.00
N THR B 98 14.25 15.38 23.35
CA THR B 98 12.94 15.90 22.97
C THR B 98 13.07 17.27 22.36
N TYR B 99 12.17 17.57 21.42
CA TYR B 99 12.08 18.88 20.78
C TYR B 99 10.68 19.44 20.95
N VAL B 100 10.57 20.76 20.81
CA VAL B 100 9.30 21.46 20.81
C VAL B 100 9.29 22.43 19.63
N PHE B 101 8.25 22.35 18.80
CA PHE B 101 8.12 23.21 17.64
C PHE B 101 7.24 24.41 17.96
N GLY B 102 7.49 25.51 17.24
CA GLY B 102 6.66 26.68 17.37
C GLY B 102 5.35 26.54 16.62
N THR B 103 4.45 27.50 16.86
CA THR B 103 3.14 27.46 16.22
C THR B 103 3.20 27.81 14.74
N GLY B 104 4.28 28.43 14.30
CA GLY B 104 4.44 28.73 12.88
C GLY B 104 4.00 30.14 12.53
N THR B 105 4.67 30.72 11.54
CA THR B 105 4.41 32.08 11.11
C THR B 105 4.36 32.14 9.59
N LYS B 106 3.35 32.82 9.06
CA LYS B 106 3.22 33.02 7.62
C LYS B 106 3.90 34.33 7.24
N VAL B 107 4.85 34.25 6.31
CA VAL B 107 5.57 35.43 5.83
C VAL B 107 5.00 35.80 4.46
N THR B 108 4.41 36.98 4.37
CA THR B 108 3.85 37.50 3.13
C THR B 108 4.80 38.54 2.54
N VAL B 109 5.09 38.40 1.25
CA VAL B 109 5.92 39.36 0.53
C VAL B 109 4.99 40.15 -0.36
N LEU B 110 4.68 41.39 0.05
CA LEU B 110 3.75 42.25 -0.68
C LEU B 110 4.44 42.79 -1.93
N GLY B 111 4.52 41.94 -2.94
CA GLY B 111 5.12 42.32 -4.21
C GLY B 111 4.10 42.44 -5.32
N GLN B 112 2.94 43.02 -4.99
CA GLN B 112 1.85 43.15 -5.95
C GLN B 112 0.86 44.16 -5.39
N PRO B 113 0.32 45.06 -6.20
CA PRO B 113 -0.61 46.07 -5.68
C PRO B 113 -1.91 45.44 -5.23
N LYS B 114 -2.69 46.23 -4.49
CA LYS B 114 -3.96 45.77 -3.95
C LYS B 114 -4.97 45.56 -5.09
N ALA B 115 -5.62 44.41 -5.09
CA ALA B 115 -6.67 44.08 -6.05
C ALA B 115 -7.96 43.81 -5.31
N ASN B 116 -9.04 44.41 -5.77
CA ASN B 116 -10.32 44.23 -5.08
C ASN B 116 -11.01 42.96 -5.56
N PRO B 117 -11.70 42.26 -4.66
CA PRO B 117 -12.25 40.95 -5.01
C PRO B 117 -13.49 41.02 -5.89
N THR B 118 -13.65 39.98 -6.71
CA THR B 118 -14.84 39.79 -7.53
C THR B 118 -15.64 38.65 -6.91
N VAL B 119 -16.91 38.92 -6.60
CA VAL B 119 -17.78 37.98 -5.91
C VAL B 119 -18.81 37.45 -6.88
N THR B 120 -18.97 36.13 -6.89
CA THR B 120 -19.98 35.46 -7.72
C THR B 120 -20.76 34.50 -6.84
N LEU B 121 -22.07 34.68 -6.75
CA LEU B 121 -22.94 33.88 -5.90
C LEU B 121 -23.83 33.00 -6.77
N PHE B 122 -23.74 31.69 -6.56
CA PHE B 122 -24.54 30.72 -7.30
C PHE B 122 -25.64 30.18 -6.43
N PRO B 123 -26.90 30.21 -6.88
CA PRO B 123 -27.98 29.58 -6.12
C PRO B 123 -27.88 28.06 -6.22
N PRO B 124 -28.67 27.32 -5.43
CA PRO B 124 -28.70 25.87 -5.60
C PRO B 124 -29.14 25.48 -7.00
N SER B 125 -28.40 24.56 -7.61
CA SER B 125 -28.74 24.10 -8.95
C SER B 125 -30.03 23.29 -8.93
N SER B 126 -30.72 23.27 -10.07
CA SER B 126 -31.94 22.48 -10.17
C SER B 126 -31.65 20.99 -10.03
N GLU B 127 -30.44 20.55 -10.41
CA GLU B 127 -30.08 19.16 -10.25
C GLU B 127 -29.93 18.79 -8.78
N GLU B 128 -29.29 19.66 -7.99
CA GLU B 128 -29.13 19.38 -6.57
C GLU B 128 -30.45 19.50 -5.83
N LEU B 129 -31.34 20.40 -6.27
CA LEU B 129 -32.64 20.51 -5.63
C LEU B 129 -33.45 19.23 -5.77
N GLN B 130 -33.30 18.53 -6.89
CA GLN B 130 -33.99 17.25 -7.06
C GLN B 130 -33.45 16.20 -6.09
N ALA B 131 -32.18 16.30 -5.71
CA ALA B 131 -31.59 15.40 -4.74
C ALA B 131 -31.91 15.81 -3.30
N ASN B 132 -32.88 16.69 -3.10
CA ASN B 132 -33.30 17.14 -1.77
C ASN B 132 -32.15 17.81 -1.02
N LYS B 133 -31.31 18.54 -1.75
CA LYS B 133 -30.23 19.32 -1.17
C LYS B 133 -30.22 20.71 -1.81
N ALA B 134 -29.66 21.67 -1.10
CA ALA B 134 -29.60 23.05 -1.58
C ALA B 134 -28.33 23.69 -1.05
N THR B 135 -27.35 23.89 -1.92
CA THR B 135 -26.06 24.46 -1.55
C THR B 135 -25.86 25.78 -2.28
N LEU B 136 -25.66 26.85 -1.53
CA LEU B 136 -25.30 28.14 -2.09
C LEU B 136 -23.79 28.28 -2.08
N VAL B 137 -23.21 28.59 -3.25
CA VAL B 137 -21.77 28.63 -3.43
C VAL B 137 -21.36 30.06 -3.71
N CYS B 138 -20.49 30.60 -2.84
CA CYS B 138 -19.97 31.95 -2.96
C CYS B 138 -18.51 31.86 -3.40
N LEU B 139 -18.20 32.42 -4.57
CA LEU B 139 -16.87 32.34 -5.14
C LEU B 139 -16.26 33.73 -5.21
N ILE B 140 -15.08 33.88 -4.61
CA ILE B 140 -14.36 35.14 -4.55
C ILE B 140 -13.05 34.96 -5.29
N SER B 141 -12.70 35.95 -6.12
CA SER B 141 -11.54 35.81 -7.00
C SER B 141 -10.88 37.16 -7.23
N ASP B 142 -9.60 37.09 -7.63
CA ASP B 142 -8.83 38.26 -8.08
C ASP B 142 -8.74 39.33 -6.99
N PHE B 143 -8.24 38.94 -5.83
CA PHE B 143 -8.00 39.88 -4.75
C PHE B 143 -6.59 39.71 -4.20
N TYR B 144 -5.99 40.83 -3.79
CA TYR B 144 -4.66 40.85 -3.20
C TYR B 144 -4.66 41.95 -2.14
N PRO B 145 -4.11 41.69 -0.94
CA PRO B 145 -3.52 40.41 -0.51
C PRO B 145 -4.56 39.32 -0.27
N GLY B 146 -4.11 38.09 -0.05
CA GLY B 146 -5.00 36.96 0.12
C GLY B 146 -5.53 36.82 1.53
N ALA B 147 -6.42 37.72 1.93
CA ALA B 147 -7.02 37.68 3.27
C ALA B 147 -8.39 38.31 3.19
N VAL B 148 -9.44 37.50 3.37
CA VAL B 148 -10.81 37.96 3.33
C VAL B 148 -11.61 37.31 4.45
N THR B 149 -12.72 37.94 4.80
CA THR B 149 -13.68 37.39 5.75
C THR B 149 -15.04 37.35 5.05
N VAL B 150 -15.73 36.22 5.19
CA VAL B 150 -17.00 35.97 4.50
C VAL B 150 -18.11 35.87 5.53
N ALA B 151 -19.22 36.54 5.25
CA ALA B 151 -20.40 36.50 6.12
C ALA B 151 -21.64 36.26 5.28
N TRP B 152 -22.53 35.39 5.77
CA TRP B 152 -23.76 35.06 5.09
C TRP B 152 -24.95 35.69 5.81
N LYS B 153 -25.93 36.13 5.03
CA LYS B 153 -27.15 36.72 5.57
C LYS B 153 -28.36 36.12 4.87
N ALA B 154 -29.46 35.99 5.62
CA ALA B 154 -30.73 35.52 5.09
C ALA B 154 -31.80 36.51 5.52
N ASP B 155 -32.33 37.27 4.56
CA ASP B 155 -33.30 38.33 4.84
C ASP B 155 -32.75 39.38 5.82
N GLY B 156 -31.42 39.55 5.81
CA GLY B 156 -30.76 40.49 6.68
C GLY B 156 -30.18 39.91 7.95
N SER B 157 -30.63 38.71 8.35
CA SER B 157 -30.12 38.13 9.58
C SER B 157 -28.89 37.27 9.29
N PRO B 158 -27.88 37.33 10.16
CA PRO B 158 -26.65 36.57 9.91
C PRO B 158 -26.87 35.08 9.99
N VAL B 159 -26.12 34.35 9.17
CA VAL B 159 -26.18 32.89 9.11
C VAL B 159 -24.77 32.35 9.28
N LYS B 160 -24.56 31.56 10.33
CA LYS B 160 -23.27 30.95 10.61
C LYS B 160 -23.29 29.43 10.54
N ALA B 161 -24.39 28.79 10.92
CA ALA B 161 -24.47 27.33 10.85
C ALA B 161 -24.56 26.87 9.40
N GLY B 162 -23.91 25.75 9.11
CA GLY B 162 -23.88 25.21 7.76
C GLY B 162 -22.96 25.95 6.81
N VAL B 163 -22.07 26.79 7.32
CA VAL B 163 -21.15 27.57 6.50
C VAL B 163 -19.79 26.91 6.53
N GLU B 164 -19.17 26.76 5.36
CA GLU B 164 -17.81 26.26 5.25
C GLU B 164 -17.06 27.13 4.25
N THR B 165 -15.89 27.62 4.65
CA THR B 165 -15.12 28.56 3.84
C THR B 165 -13.68 28.07 3.73
N THR B 166 -13.14 28.10 2.52
CA THR B 166 -11.76 27.72 2.28
C THR B 166 -10.82 28.90 2.55
N LYS B 167 -9.58 28.57 2.91
CA LYS B 167 -8.56 29.60 3.02
C LYS B 167 -8.16 30.08 1.64
N PRO B 168 -7.76 31.35 1.51
CA PRO B 168 -7.39 31.89 0.20
C PRO B 168 -6.28 31.09 -0.46
N SER B 169 -6.47 30.78 -1.74
CA SER B 169 -5.51 30.02 -2.53
C SER B 169 -5.07 30.83 -3.75
N LYS B 170 -3.83 30.63 -4.17
CA LYS B 170 -3.27 31.41 -5.27
C LYS B 170 -3.84 30.94 -6.60
N GLN B 171 -4.24 31.89 -7.43
CA GLN B 171 -4.76 31.57 -8.75
C GLN B 171 -3.61 31.43 -9.74
N SER B 172 -3.96 31.16 -11.01
CA SER B 172 -2.95 31.06 -12.06
C SER B 172 -2.35 32.41 -12.40
N ASN B 173 -3.01 33.51 -12.04
CA ASN B 173 -2.52 34.85 -12.30
C ASN B 173 -1.93 35.52 -11.06
N ASN B 174 -1.50 34.72 -10.08
CA ASN B 174 -0.86 35.14 -8.84
C ASN B 174 -1.79 35.90 -7.90
N LYS B 175 -3.03 36.19 -8.31
CA LYS B 175 -4.01 36.73 -7.38
C LYS B 175 -4.59 35.60 -6.54
N TYR B 176 -5.45 35.94 -5.59
CA TYR B 176 -5.98 34.96 -4.65
C TYR B 176 -7.47 34.74 -4.87
N ALA B 177 -7.93 33.56 -4.47
CA ALA B 177 -9.31 33.16 -4.61
C ALA B 177 -9.77 32.43 -3.35
N ALA B 178 -11.06 32.47 -3.09
CA ALA B 178 -11.64 31.80 -1.93
C ALA B 178 -13.06 31.38 -2.25
N SER B 179 -13.52 30.34 -1.55
CA SER B 179 -14.86 29.80 -1.75
C SER B 179 -15.54 29.61 -0.39
N SER B 180 -16.85 29.80 -0.39
CA SER B 180 -17.66 29.61 0.82
C SER B 180 -18.98 28.94 0.42
N TYR B 181 -19.41 27.99 1.23
CA TYR B 181 -20.62 27.23 0.96
C TYR B 181 -21.61 27.37 2.12
N LEU B 182 -22.88 27.48 1.77
CA LEU B 182 -23.97 27.47 2.75
C LEU B 182 -24.85 26.27 2.40
N SER B 183 -24.67 25.18 3.14
CA SER B 183 -25.36 23.93 2.85
C SER B 183 -26.69 23.88 3.59
N LEU B 184 -27.79 23.81 2.84
CA LEU B 184 -29.13 23.74 3.40
C LEU B 184 -29.90 22.63 2.69
N THR B 185 -31.18 22.53 3.05
CA THR B 185 -32.14 21.69 2.36
C THR B 185 -33.08 22.57 1.54
N PRO B 186 -33.76 22.00 0.53
CA PRO B 186 -34.68 22.84 -0.27
C PRO B 186 -35.75 23.52 0.56
N GLU B 187 -36.25 22.86 1.62
CA GLU B 187 -37.27 23.48 2.45
C GLU B 187 -36.72 24.69 3.19
N GLN B 188 -35.52 24.56 3.77
CA GLN B 188 -34.91 25.70 4.46
C GLN B 188 -34.47 26.77 3.46
N TRP B 189 -34.09 26.36 2.24
CA TRP B 189 -33.68 27.33 1.22
C TRP B 189 -34.87 28.13 0.70
N LYS B 190 -36.07 27.52 0.68
CA LYS B 190 -37.27 28.23 0.25
C LYS B 190 -37.93 29.03 1.37
N SER B 191 -37.46 28.91 2.60
CA SER B 191 -38.06 29.59 3.74
C SER B 191 -37.55 31.02 3.92
N HIS B 192 -36.67 31.49 3.03
CA HIS B 192 -36.19 32.86 3.07
C HIS B 192 -36.22 33.45 1.67
N ARG B 193 -36.48 34.76 1.59
CA ARG B 193 -36.69 35.40 0.31
C ARG B 193 -35.39 35.82 -0.36
N SER B 194 -34.34 36.09 0.41
CA SER B 194 -33.11 36.61 -0.14
C SER B 194 -31.92 36.15 0.69
N TYR B 195 -30.83 35.81 0.01
CA TYR B 195 -29.59 35.39 0.65
C TYR B 195 -28.44 36.25 0.15
N SER B 196 -27.55 36.64 1.06
CA SER B 196 -26.44 37.52 0.74
C SER B 196 -25.13 36.92 1.22
N CYS B 197 -24.10 37.05 0.39
CA CYS B 197 -22.74 36.66 0.73
C CYS B 197 -21.89 37.92 0.70
N GLN B 198 -21.44 38.36 1.87
CA GLN B 198 -20.67 39.59 2.00
C GLN B 198 -19.20 39.26 2.25
N VAL B 199 -18.32 39.84 1.46
CA VAL B 199 -16.88 39.60 1.53
C VAL B 199 -16.19 40.91 1.90
N THR B 200 -15.42 40.89 2.98
CA THR B 200 -14.67 42.04 3.45
C THR B 200 -13.20 41.84 3.11
N HIS B 201 -12.65 42.77 2.33
CA HIS B 201 -11.26 42.69 1.90
C HIS B 201 -10.62 44.07 2.07
N GLU B 202 -9.63 44.16 2.96
CA GLU B 202 -8.89 45.39 3.20
C GLU B 202 -9.81 46.53 3.62
N GLY B 203 -10.86 46.20 4.37
CA GLY B 203 -11.75 47.19 4.93
C GLY B 203 -12.98 47.50 4.11
N SER B 204 -13.03 47.08 2.85
CA SER B 204 -14.16 47.33 1.97
C SER B 204 -14.96 46.06 1.76
N THR B 205 -16.29 46.20 1.74
CA THR B 205 -17.20 45.07 1.67
C THR B 205 -17.88 45.01 0.32
N VAL B 206 -18.01 43.80 -0.22
CA VAL B 206 -18.70 43.54 -1.48
C VAL B 206 -19.79 42.51 -1.21
N GLU B 207 -20.95 42.70 -1.84
CA GLU B 207 -22.12 41.88 -1.56
C GLU B 207 -22.74 41.37 -2.86
N LYS B 208 -23.07 40.09 -2.90
CA LYS B 208 -23.87 39.49 -3.95
C LYS B 208 -25.11 38.85 -3.35
N THR B 209 -26.19 38.83 -4.11
CA THR B 209 -27.49 38.45 -3.59
C THR B 209 -28.23 37.55 -4.58
N VAL B 210 -28.82 36.47 -4.06
CA VAL B 210 -29.67 35.58 -4.84
C VAL B 210 -31.01 35.42 -4.12
N ALA B 211 -32.00 34.95 -4.88
CA ALA B 211 -33.35 34.79 -4.36
C ALA B 211 -34.01 33.56 -4.98
N PRO B 212 -34.71 32.75 -4.19
CA PRO B 212 -35.44 31.57 -4.69
C PRO B 212 -36.56 31.94 -5.67
N GLN C 1 28.29 -36.38 -9.63
CA GLN C 1 26.99 -35.73 -9.44
C GLN C 1 26.04 -36.61 -8.63
N VAL C 2 25.79 -36.22 -7.39
CA VAL C 2 24.90 -36.95 -6.49
C VAL C 2 23.49 -36.42 -6.66
N GLN C 3 22.55 -37.32 -6.91
CA GLN C 3 21.15 -36.98 -7.07
C GLN C 3 20.28 -37.81 -6.14
N LEU C 4 19.16 -37.24 -5.72
CA LEU C 4 18.17 -37.91 -4.88
C LEU C 4 16.86 -38.01 -5.66
N VAL C 5 16.40 -39.23 -5.91
CA VAL C 5 15.19 -39.48 -6.67
C VAL C 5 14.13 -40.05 -5.73
N GLN C 6 12.97 -39.39 -5.68
CA GLN C 6 11.89 -39.77 -4.79
C GLN C 6 10.79 -40.49 -5.56
N SER C 7 9.91 -41.15 -4.80
CA SER C 7 8.81 -41.90 -5.39
C SER C 7 7.72 -40.95 -5.90
N GLY C 8 6.75 -41.52 -6.59
CA GLY C 8 5.73 -40.73 -7.24
C GLY C 8 4.70 -40.18 -6.27
N ALA C 9 3.89 -39.26 -6.80
CA ALA C 9 2.85 -38.61 -6.01
C ALA C 9 1.79 -39.63 -5.58
N GLU C 10 1.09 -39.31 -4.49
CA GLU C 10 0.11 -40.22 -3.92
C GLU C 10 -1.07 -39.44 -3.38
N VAL C 11 -2.25 -40.07 -3.44
CA VAL C 11 -3.47 -39.58 -2.82
C VAL C 11 -3.90 -40.60 -1.79
N LYS C 12 -4.11 -40.15 -0.55
CA LYS C 12 -4.41 -41.04 0.56
C LYS C 12 -5.62 -40.51 1.33
N LYS C 13 -6.32 -41.44 1.98
CA LYS C 13 -7.47 -41.15 2.83
C LYS C 13 -7.02 -40.85 4.25
N PRO C 14 -7.80 -40.09 5.01
CA PRO C 14 -7.45 -39.83 6.41
C PRO C 14 -7.41 -41.13 7.20
N GLY C 15 -6.39 -41.26 8.05
CA GLY C 15 -6.20 -42.45 8.85
C GLY C 15 -5.32 -43.52 8.21
N SER C 16 -4.95 -43.36 6.95
CA SER C 16 -4.08 -44.31 6.28
C SER C 16 -2.62 -43.99 6.55
N SER C 17 -1.73 -44.79 5.97
CA SER C 17 -0.29 -44.62 6.15
C SER C 17 0.35 -44.19 4.84
N LEU C 18 1.46 -43.46 4.97
CA LEU C 18 2.23 -42.97 3.83
C LEU C 18 3.63 -43.54 3.87
N LYS C 19 4.19 -43.82 2.69
CA LYS C 19 5.57 -44.27 2.56
C LYS C 19 6.19 -43.64 1.33
N VAL C 20 7.30 -42.94 1.52
CA VAL C 20 8.02 -42.28 0.44
C VAL C 20 9.47 -42.72 0.48
N SER C 21 10.02 -43.08 -0.68
CA SER C 21 11.40 -43.51 -0.80
C SER C 21 12.26 -42.41 -1.42
N CYS C 22 13.54 -42.44 -1.08
CA CYS C 22 14.52 -41.51 -1.64
C CYS C 22 15.79 -42.29 -1.95
N LYS C 23 16.10 -42.45 -3.22
CA LYS C 23 17.25 -43.23 -3.67
C LYS C 23 18.41 -42.32 -3.99
N VAL C 24 19.60 -42.71 -3.54
CA VAL C 24 20.82 -41.92 -3.71
C VAL C 24 21.58 -42.44 -4.91
N SER C 25 21.92 -41.54 -5.82
CA SER C 25 22.69 -41.88 -7.01
C SER C 25 24.03 -41.16 -6.99
N GLY C 26 25.01 -41.74 -7.69
CA GLY C 26 26.34 -41.16 -7.76
C GLY C 26 27.08 -41.06 -6.45
N GLY C 27 26.63 -41.75 -5.41
CA GLY C 27 27.30 -41.72 -4.12
C GLY C 27 26.84 -42.86 -3.25
N ASN C 28 27.52 -43.00 -2.12
CA ASN C 28 27.22 -44.05 -1.16
C ASN C 28 26.36 -43.50 -0.03
N LEU C 29 25.21 -44.15 0.21
CA LEU C 29 24.32 -43.69 1.26
C LEU C 29 24.96 -43.80 2.64
N ARG C 30 25.81 -44.82 2.85
CA ARG C 30 26.49 -44.97 4.12
C ARG C 30 27.42 -43.79 4.42
N SER C 31 27.82 -43.03 3.40
CA SER C 31 28.68 -41.88 3.60
C SER C 31 27.93 -40.64 4.04
N TYR C 32 26.62 -40.60 3.85
CA TYR C 32 25.82 -39.39 4.07
C TYR C 32 24.79 -39.62 5.16
N GLY C 33 24.03 -38.56 5.43
CA GLY C 33 22.79 -38.67 6.16
C GLY C 33 21.68 -38.02 5.37
N ILE C 34 20.46 -38.45 5.63
CA ILE C 34 19.29 -38.02 4.86
C ILE C 34 18.30 -37.35 5.81
N SER C 35 18.03 -36.08 5.56
CA SER C 35 16.98 -35.34 6.26
C SER C 35 15.72 -35.32 5.41
N TRP C 36 14.58 -35.14 6.08
CA TRP C 36 13.29 -35.07 5.42
C TRP C 36 12.59 -33.78 5.82
N VAL C 37 12.18 -32.99 4.82
CA VAL C 37 11.51 -31.72 5.02
C VAL C 37 10.23 -31.72 4.20
N ARG C 38 9.13 -31.31 4.80
CA ARG C 38 7.86 -31.23 4.11
C ARG C 38 7.40 -29.78 4.01
N GLN C 39 6.52 -29.52 3.03
CA GLN C 39 6.05 -28.17 2.76
C GLN C 39 4.59 -28.25 2.31
N ALA C 40 3.68 -27.75 3.15
CA ALA C 40 2.28 -27.69 2.77
C ALA C 40 2.10 -26.66 1.65
N PRO C 41 1.04 -26.80 0.85
CA PRO C 41 0.80 -25.84 -0.24
C PRO C 41 0.68 -24.42 0.28
N GLY C 42 1.54 -23.54 -0.23
CA GLY C 42 1.56 -22.15 0.19
C GLY C 42 2.17 -21.89 1.55
N GLN C 43 2.64 -22.93 2.25
CA GLN C 43 3.24 -22.79 3.56
C GLN C 43 4.75 -22.86 3.43
N GLY C 44 5.44 -22.97 4.58
CA GLY C 44 6.88 -22.96 4.63
C GLY C 44 7.47 -24.36 4.75
N LEU C 45 8.79 -24.40 4.92
CA LEU C 45 9.50 -25.65 5.08
C LEU C 45 9.47 -26.10 6.54
N GLU C 46 9.37 -27.41 6.75
CA GLU C 46 9.27 -27.98 8.09
C GLU C 46 10.14 -29.21 8.17
N TRP C 47 11.16 -29.17 9.02
CA TRP C 47 12.07 -30.29 9.20
C TRP C 47 11.38 -31.41 9.98
N MET C 48 11.44 -32.63 9.46
CA MET C 48 10.77 -33.78 10.06
C MET C 48 11.74 -34.68 10.83
N GLY C 49 12.88 -34.99 10.25
CA GLY C 49 13.82 -35.88 10.91
C GLY C 49 15.02 -36.13 10.02
N VAL C 50 15.98 -36.86 10.58
CA VAL C 50 17.22 -37.19 9.87
C VAL C 50 17.63 -38.62 10.26
N ILE C 51 18.20 -39.34 9.31
CA ILE C 51 18.71 -40.68 9.54
C ILE C 51 20.14 -40.75 9.00
N ILE C 52 21.06 -41.23 9.83
CA ILE C 52 22.44 -41.46 9.41
C ILE C 52 22.74 -42.93 9.66
N PRO C 53 22.85 -43.75 8.60
CA PRO C 53 22.93 -45.21 8.81
C PRO C 53 24.07 -45.66 9.72
N ILE C 54 25.25 -45.05 9.61
CA ILE C 54 26.38 -45.49 10.42
C ILE C 54 26.24 -45.06 11.87
N PHE C 55 25.51 -43.98 12.12
CA PHE C 55 25.40 -43.45 13.48
C PHE C 55 24.36 -44.18 14.32
N GLY C 56 23.39 -44.84 13.70
CA GLY C 56 22.43 -45.63 14.45
C GLY C 56 20.98 -45.21 14.26
N THR C 57 20.27 -45.06 15.36
CA THR C 57 18.84 -44.76 15.31
C THR C 57 18.61 -43.35 14.78
N PRO C 58 17.61 -43.15 13.93
CA PRO C 58 17.32 -41.80 13.42
C PRO C 58 16.68 -40.93 14.48
N THR C 59 16.76 -39.62 14.25
CA THR C 59 16.19 -38.62 15.14
C THR C 59 15.02 -37.94 14.42
N TYR C 60 13.90 -37.78 15.13
CA TYR C 60 12.70 -37.18 14.57
C TYR C 60 12.39 -35.86 15.28
N ALA C 61 11.73 -34.96 14.57
CA ALA C 61 11.25 -33.73 15.17
C ALA C 61 10.17 -34.04 16.21
N GLN C 62 9.96 -33.09 17.12
CA GLN C 62 9.09 -33.34 18.26
C GLN C 62 7.65 -33.54 17.83
N LYS C 63 7.17 -32.77 16.85
CA LYS C 63 5.77 -32.87 16.45
C LYS C 63 5.48 -34.13 15.64
N PHE C 64 6.50 -34.87 15.22
CA PHE C 64 6.30 -36.10 14.46
C PHE C 64 6.71 -37.35 15.23
N GLN C 65 7.20 -37.21 16.46
CA GLN C 65 7.56 -38.36 17.26
C GLN C 65 6.34 -39.20 17.58
N GLY C 66 6.47 -40.52 17.44
CA GLY C 66 5.35 -41.42 17.57
C GLY C 66 4.49 -41.53 16.33
N ARG C 67 4.85 -40.84 15.25
CA ARG C 67 4.08 -40.85 14.02
C ARG C 67 4.91 -41.09 12.77
N VAL C 68 6.21 -40.81 12.80
CA VAL C 68 7.07 -40.96 11.63
C VAL C 68 8.17 -41.97 11.96
N THR C 69 8.57 -42.73 10.96
CA THR C 69 9.69 -43.66 11.08
C THR C 69 10.62 -43.47 9.88
N LEU C 70 11.92 -43.59 10.14
CA LEU C 70 12.93 -43.49 9.11
C LEU C 70 13.73 -44.78 9.06
N ALA C 71 13.79 -45.40 7.87
CA ALA C 71 14.53 -46.64 7.67
C ALA C 71 15.36 -46.52 6.41
N ALA C 72 16.50 -47.20 6.40
CA ALA C 72 17.44 -47.13 5.30
C ALA C 72 17.85 -48.53 4.87
N ASP C 73 17.91 -48.74 3.56
CA ASP C 73 18.47 -49.95 2.96
C ASP C 73 19.88 -49.61 2.52
N ASP C 74 20.87 -49.93 3.37
CA ASP C 74 22.24 -49.54 3.11
C ASP C 74 22.75 -50.12 1.79
N SER C 75 22.35 -51.35 1.47
CA SER C 75 22.88 -52.00 0.27
C SER C 75 22.36 -51.36 -1.01
N ASN C 76 21.13 -50.86 -1.01
CA ASN C 76 20.50 -50.34 -2.22
C ASN C 76 20.41 -48.83 -2.26
N ASN C 77 21.08 -48.13 -1.33
CA ASN C 77 21.21 -46.66 -1.37
C ASN C 77 19.85 -45.97 -1.38
N ILE C 78 18.93 -46.44 -0.55
CA ILE C 78 17.56 -45.92 -0.54
C ILE C 78 17.10 -45.77 0.91
N VAL C 79 16.40 -44.66 1.17
CA VAL C 79 15.88 -44.35 2.50
C VAL C 79 14.36 -44.24 2.40
N PHE C 80 13.66 -44.81 3.38
CA PHE C 80 12.20 -44.81 3.41
C PHE C 80 11.71 -43.95 4.57
N MET C 81 10.62 -43.21 4.32
CA MET C 81 9.97 -42.39 5.33
C MET C 81 8.50 -42.79 5.40
N GLU C 82 8.06 -43.19 6.59
CA GLU C 82 6.67 -43.58 6.82
C GLU C 82 5.99 -42.60 7.76
N LEU C 83 4.77 -42.20 7.40
CA LEU C 83 3.96 -41.30 8.22
C LEU C 83 2.61 -41.97 8.46
N SER C 84 2.28 -42.17 9.73
CA SER C 84 1.07 -42.91 10.10
C SER C 84 -0.04 -41.96 10.51
N SER C 85 -1.27 -42.49 10.45
CA SER C 85 -2.48 -41.77 10.87
C SER C 85 -2.58 -40.40 10.18
N LEU C 86 -2.64 -40.45 8.85
CA LEU C 86 -2.64 -39.22 8.07
C LEU C 86 -3.92 -38.43 8.30
N ARG C 87 -3.78 -37.11 8.35
CA ARG C 87 -4.88 -36.17 8.43
C ARG C 87 -4.79 -35.18 7.29
N SER C 88 -5.84 -34.37 7.14
CA SER C 88 -5.90 -33.42 6.03
C SER C 88 -4.73 -32.44 6.06
N GLU C 89 -4.25 -32.09 7.26
CA GLU C 89 -3.14 -31.15 7.39
C GLU C 89 -1.81 -31.76 7.00
N ASP C 90 -1.75 -33.07 6.78
CA ASP C 90 -0.53 -33.72 6.30
C ASP C 90 -0.35 -33.56 4.80
N THR C 91 -1.27 -32.89 4.11
CA THR C 91 -1.13 -32.63 2.69
C THR C 91 0.04 -31.68 2.47
N ALA C 92 1.09 -32.17 1.81
CA ALA C 92 2.32 -31.40 1.64
C ALA C 92 3.17 -32.08 0.58
N VAL C 93 4.22 -31.38 0.18
CA VAL C 93 5.28 -31.96 -0.65
C VAL C 93 6.40 -32.40 0.28
N TYR C 94 6.79 -33.66 0.17
CA TYR C 94 7.79 -34.24 1.07
C TYR C 94 9.12 -34.38 0.33
N TYR C 95 10.13 -33.66 0.81
CA TYR C 95 11.45 -33.65 0.23
C TYR C 95 12.41 -34.50 1.05
N CYS C 96 13.40 -35.07 0.37
CA CYS C 96 14.59 -35.61 1.02
C CYS C 96 15.77 -34.71 0.69
N ALA C 97 16.81 -34.80 1.51
CA ALA C 97 17.96 -33.90 1.36
C ALA C 97 19.17 -34.53 2.02
N ARG C 98 20.30 -34.53 1.32
CA ARG C 98 21.54 -35.03 1.87
C ARG C 98 22.00 -34.11 3.00
N ASP C 99 22.24 -34.70 4.17
CA ASP C 99 22.57 -33.94 5.37
C ASP C 99 23.75 -34.58 6.07
N TRP C 100 24.44 -33.79 6.88
CA TRP C 100 25.54 -34.29 7.72
C TRP C 100 25.62 -33.44 8.98
N PRO C 101 24.79 -33.73 9.98
CA PRO C 101 24.81 -32.98 11.24
C PRO C 101 25.91 -33.47 12.19
N SER C 102 27.16 -33.25 11.78
CA SER C 102 28.31 -33.70 12.55
C SER C 102 29.50 -32.81 12.25
N ILE C 103 30.45 -32.80 13.19
CA ILE C 103 31.69 -32.02 13.01
C ILE C 103 32.75 -32.79 12.25
N THR C 104 32.57 -34.10 12.06
CA THR C 104 33.57 -34.91 11.39
C THR C 104 33.51 -34.70 9.87
N VAL C 105 34.59 -35.06 9.20
CA VAL C 105 34.68 -34.92 7.75
C VAL C 105 33.87 -36.03 7.09
N ALA C 106 32.96 -35.65 6.19
CA ALA C 106 32.22 -36.58 5.37
C ALA C 106 32.48 -36.26 3.90
N VAL C 107 32.63 -37.30 3.09
CA VAL C 107 32.87 -37.11 1.66
C VAL C 107 31.64 -36.50 1.02
N ASP C 108 31.85 -35.59 0.08
CA ASP C 108 30.80 -34.91 -0.69
C ASP C 108 29.95 -34.00 0.20
N ALA C 109 29.39 -34.53 1.28
CA ALA C 109 28.41 -33.81 2.08
C ALA C 109 29.04 -32.60 2.76
N THR C 110 28.18 -31.66 3.14
CA THR C 110 28.58 -30.45 3.84
C THR C 110 28.07 -30.50 5.27
N ASN C 111 28.92 -30.09 6.21
CA ASN C 111 28.57 -30.17 7.62
C ASN C 111 27.42 -29.23 7.96
N TYR C 112 26.39 -29.78 8.61
CA TYR C 112 25.25 -29.00 9.11
C TYR C 112 24.59 -28.21 7.98
N GLY C 113 24.43 -28.84 6.83
CA GLY C 113 23.77 -28.24 5.69
C GLY C 113 23.16 -29.28 4.77
N MET C 114 22.00 -28.97 4.20
CA MET C 114 21.32 -29.87 3.27
C MET C 114 21.60 -29.37 1.86
N ASP C 115 22.62 -29.97 1.22
CA ASP C 115 23.18 -29.43 -0.02
C ASP C 115 22.51 -29.97 -1.27
N VAL C 116 22.02 -31.21 -1.25
CA VAL C 116 21.38 -31.82 -2.42
C VAL C 116 19.97 -32.23 -2.02
N TRP C 117 18.98 -31.78 -2.80
CA TRP C 117 17.58 -32.03 -2.52
C TRP C 117 16.96 -32.89 -3.62
N GLY C 118 15.99 -33.71 -3.23
CA GLY C 118 15.20 -34.46 -4.19
C GLY C 118 14.14 -33.61 -4.84
N GLN C 119 13.47 -34.19 -5.83
CA GLN C 119 12.44 -33.46 -6.56
C GLN C 119 11.15 -33.31 -5.74
N GLY C 120 10.99 -34.06 -4.67
CA GLY C 120 9.80 -33.92 -3.84
C GLY C 120 8.69 -34.87 -4.25
N THR C 121 7.87 -35.23 -3.26
CA THR C 121 6.73 -36.12 -3.47
C THR C 121 5.48 -35.42 -2.96
N LEU C 122 4.55 -35.13 -3.87
CA LEU C 122 3.29 -34.49 -3.51
C LEU C 122 2.35 -35.52 -2.91
N VAL C 123 1.91 -35.28 -1.68
CA VAL C 123 1.01 -36.17 -0.97
C VAL C 123 -0.26 -35.41 -0.64
N THR C 124 -1.40 -35.90 -1.12
CA THR C 124 -2.70 -35.30 -0.88
C THR C 124 -3.50 -36.21 0.04
N VAL C 125 -3.93 -35.67 1.18
CA VAL C 125 -4.75 -36.40 2.14
C VAL C 125 -6.13 -35.77 2.15
N SER C 126 -7.13 -36.56 1.75
CA SER C 126 -8.50 -36.05 1.65
C SER C 126 -9.47 -37.22 1.70
N SER C 127 -10.64 -36.97 2.30
CA SER C 127 -11.70 -37.96 2.32
C SER C 127 -12.51 -37.97 1.03
N ALA C 128 -12.28 -37.02 0.13
CA ALA C 128 -13.02 -36.96 -1.12
C ALA C 128 -12.63 -38.12 -2.04
N SER C 129 -13.54 -38.45 -2.94
CA SER C 129 -13.34 -39.50 -3.92
C SER C 129 -12.96 -38.92 -5.27
N PHE C 130 -12.33 -39.75 -6.09
CA PHE C 130 -11.93 -39.34 -7.43
C PHE C 130 -13.17 -38.98 -8.24
N LYS C 131 -13.15 -37.81 -8.87
CA LYS C 131 -14.30 -37.33 -9.63
C LYS C 131 -13.83 -36.40 -10.73
N GLY C 132 -14.35 -36.61 -11.94
CA GLY C 132 -14.05 -35.76 -13.06
C GLY C 132 -14.73 -34.40 -12.94
N PRO C 133 -14.20 -33.41 -13.63
CA PRO C 133 -14.74 -32.05 -13.52
C PRO C 133 -15.92 -31.80 -14.45
N SER C 134 -16.71 -30.79 -14.07
CA SER C 134 -17.76 -30.27 -14.93
C SER C 134 -17.24 -29.03 -15.64
N VAL C 135 -17.33 -29.03 -16.96
CA VAL C 135 -16.79 -27.96 -17.79
C VAL C 135 -17.94 -27.12 -18.32
N PHE C 136 -17.99 -25.86 -17.92
CA PHE C 136 -19.01 -24.94 -18.37
C PHE C 136 -18.37 -23.75 -19.10
N PRO C 137 -18.98 -23.29 -20.19
CA PRO C 137 -18.39 -22.19 -20.95
C PRO C 137 -18.66 -20.83 -20.32
N LEU C 138 -17.67 -19.95 -20.45
CA LEU C 138 -17.80 -18.56 -20.03
C LEU C 138 -17.90 -17.72 -21.31
N ALA C 139 -19.13 -17.53 -21.77
CA ALA C 139 -19.35 -16.86 -23.04
C ALA C 139 -18.93 -15.40 -22.96
N PRO C 140 -18.39 -14.83 -24.04
CA PRO C 140 -18.02 -13.41 -24.01
C PRO C 140 -19.22 -12.50 -24.13
N SER C 141 -19.13 -11.35 -23.47
CA SER C 141 -20.20 -10.37 -23.49
C SER C 141 -20.17 -9.56 -24.78
N THR C 149 -11.43 -5.70 -28.07
CA THR C 149 -10.99 -6.94 -27.43
C THR C 149 -12.08 -7.52 -26.55
N ALA C 150 -12.04 -8.83 -26.33
CA ALA C 150 -13.05 -9.51 -25.53
C ALA C 150 -12.39 -10.65 -24.76
N ALA C 151 -13.13 -11.20 -23.81
CA ALA C 151 -12.63 -12.25 -22.93
C ALA C 151 -13.64 -13.38 -22.86
N LEU C 152 -13.21 -14.58 -23.24
CA LEU C 152 -13.99 -15.80 -23.11
C LEU C 152 -13.24 -16.78 -22.22
N GLY C 153 -13.96 -17.78 -21.72
CA GLY C 153 -13.31 -18.72 -20.83
C GLY C 153 -14.10 -20.00 -20.64
N CYS C 154 -13.58 -20.85 -19.76
CA CYS C 154 -14.19 -22.12 -19.41
C CYS C 154 -14.10 -22.32 -17.92
N LEU C 155 -15.20 -22.72 -17.29
CA LEU C 155 -15.24 -23.02 -15.87
C LEU C 155 -15.06 -24.52 -15.67
N VAL C 156 -14.06 -24.89 -14.87
CA VAL C 156 -13.74 -26.28 -14.58
C VAL C 156 -14.12 -26.53 -13.13
N LYS C 157 -15.30 -27.10 -12.91
CA LYS C 157 -15.91 -27.15 -11.59
C LYS C 157 -15.84 -28.55 -10.99
N ASP C 158 -15.55 -28.61 -9.69
CA ASP C 158 -15.70 -29.81 -8.87
C ASP C 158 -14.97 -31.02 -9.42
N TYR C 159 -13.65 -31.08 -9.21
CA TYR C 159 -12.88 -32.25 -9.56
C TYR C 159 -11.96 -32.63 -8.41
N PHE C 160 -11.51 -33.87 -8.43
CA PHE C 160 -10.58 -34.40 -7.44
C PHE C 160 -9.91 -35.66 -7.98
N PRO C 161 -8.59 -35.79 -7.87
CA PRO C 161 -7.71 -34.77 -7.28
C PRO C 161 -7.00 -33.93 -8.33
N GLU C 162 -6.00 -33.17 -7.90
CA GLU C 162 -5.15 -32.44 -8.82
C GLU C 162 -4.24 -33.41 -9.57
N PRO C 163 -3.72 -33.02 -10.74
CA PRO C 163 -3.89 -31.74 -11.43
C PRO C 163 -4.90 -31.77 -12.56
N VAL C 164 -5.05 -30.62 -13.23
CA VAL C 164 -5.90 -30.48 -14.40
C VAL C 164 -5.15 -29.66 -15.44
N THR C 165 -5.10 -30.16 -16.66
CA THR C 165 -4.48 -29.44 -17.78
C THR C 165 -5.57 -28.89 -18.68
N VAL C 166 -5.40 -27.63 -19.08
CA VAL C 166 -6.35 -26.94 -19.94
C VAL C 166 -5.60 -26.43 -21.16
N SER C 167 -6.20 -26.63 -22.34
CA SER C 167 -5.67 -26.10 -23.58
C SER C 167 -6.83 -25.51 -24.38
N TRP C 168 -6.49 -24.71 -25.38
CA TRP C 168 -7.48 -24.07 -26.23
C TRP C 168 -7.17 -24.39 -27.68
N ASN C 169 -8.20 -24.87 -28.40
CA ASN C 169 -8.05 -25.30 -29.79
C ASN C 169 -6.96 -26.37 -29.92
N SER C 170 -6.97 -27.32 -28.98
CA SER C 170 -6.02 -28.43 -28.93
C SER C 170 -4.57 -27.95 -28.84
N GLY C 171 -4.35 -26.74 -28.33
CA GLY C 171 -3.02 -26.21 -28.17
C GLY C 171 -2.61 -25.20 -29.23
N ALA C 172 -3.42 -25.02 -30.28
CA ALA C 172 -3.08 -24.08 -31.34
C ALA C 172 -3.28 -22.63 -30.92
N LEU C 173 -3.97 -22.37 -29.81
CA LEU C 173 -4.22 -21.03 -29.31
C LEU C 173 -3.54 -20.89 -27.95
N THR C 174 -2.45 -20.11 -27.90
CA THR C 174 -1.70 -19.90 -26.68
C THR C 174 -1.55 -18.44 -26.27
N SER C 175 -1.72 -17.50 -27.20
CA SER C 175 -1.59 -16.08 -26.87
C SER C 175 -2.86 -15.58 -26.20
N GLY C 176 -2.69 -14.76 -25.17
CA GLY C 176 -3.81 -14.25 -24.41
C GLY C 176 -4.45 -15.24 -23.46
N VAL C 177 -3.88 -16.44 -23.33
CA VAL C 177 -4.43 -17.48 -22.48
C VAL C 177 -3.86 -17.36 -21.08
N HIS C 178 -4.71 -17.52 -20.07
CA HIS C 178 -4.26 -17.63 -18.69
C HIS C 178 -5.15 -18.63 -17.97
N THR C 179 -4.54 -19.66 -17.40
CA THR C 179 -5.24 -20.67 -16.61
C THR C 179 -4.91 -20.44 -15.14
N PHE C 180 -5.92 -20.08 -14.35
CA PHE C 180 -5.73 -19.75 -12.96
C PHE C 180 -5.50 -21.00 -12.11
N PRO C 181 -4.80 -20.87 -10.99
CA PRO C 181 -4.72 -21.99 -10.03
C PRO C 181 -6.10 -22.29 -9.45
N ALA C 182 -6.19 -23.44 -8.80
CA ALA C 182 -7.46 -23.97 -8.35
C ALA C 182 -7.77 -23.54 -6.91
N VAL C 183 -9.06 -23.49 -6.59
CA VAL C 183 -9.55 -23.28 -5.24
C VAL C 183 -9.98 -24.64 -4.67
N LEU C 184 -9.70 -24.87 -3.39
CA LEU C 184 -10.16 -26.06 -2.69
C LEU C 184 -11.41 -25.66 -1.90
N GLN C 185 -12.57 -26.13 -2.35
CA GLN C 185 -13.83 -25.75 -1.74
C GLN C 185 -14.12 -26.59 -0.50
N SER C 186 -15.17 -26.20 0.21
CA SER C 186 -15.57 -26.91 1.43
C SER C 186 -16.02 -28.33 1.16
N SER C 187 -16.43 -28.64 -0.08
CA SER C 187 -16.82 -29.98 -0.45
C SER C 187 -15.64 -30.92 -0.66
N GLY C 188 -14.41 -30.41 -0.56
CA GLY C 188 -13.24 -31.22 -0.84
C GLY C 188 -12.88 -31.33 -2.30
N LEU C 189 -13.58 -30.61 -3.17
CA LEU C 189 -13.36 -30.66 -4.61
C LEU C 189 -12.70 -29.38 -5.08
N TYR C 190 -11.84 -29.51 -6.09
CA TYR C 190 -11.13 -28.38 -6.67
C TYR C 190 -11.95 -27.73 -7.78
N SER C 191 -11.54 -26.53 -8.17
CA SER C 191 -12.20 -25.80 -9.24
C SER C 191 -11.26 -24.70 -9.72
N LEU C 192 -11.23 -24.50 -11.04
CA LEU C 192 -10.39 -23.45 -11.62
C LEU C 192 -11.10 -22.88 -12.84
N SER C 193 -10.48 -21.85 -13.43
CA SER C 193 -10.97 -21.23 -14.65
C SER C 193 -9.78 -20.97 -15.57
N SER C 194 -10.08 -20.87 -16.86
CA SER C 194 -9.09 -20.51 -17.86
C SER C 194 -9.72 -19.49 -18.81
N VAL C 195 -9.02 -18.39 -19.05
CA VAL C 195 -9.56 -17.28 -19.82
C VAL C 195 -8.62 -16.96 -20.98
N VAL C 196 -9.20 -16.50 -22.07
CA VAL C 196 -8.45 -16.09 -23.26
C VAL C 196 -8.92 -14.70 -23.66
N THR C 197 -7.98 -13.75 -23.75
CA THR C 197 -8.27 -12.44 -24.32
C THR C 197 -8.18 -12.52 -25.84
N VAL C 198 -9.18 -12.00 -26.52
CA VAL C 198 -9.41 -12.36 -27.92
C VAL C 198 -9.91 -11.15 -28.70
N PRO C 199 -9.47 -10.94 -29.93
CA PRO C 199 -9.99 -9.82 -30.73
C PRO C 199 -11.49 -9.94 -30.95
N SER C 200 -12.19 -8.82 -30.80
CA SER C 200 -13.65 -8.82 -30.95
C SER C 200 -14.09 -9.14 -32.36
N SER C 201 -13.25 -8.87 -33.36
CA SER C 201 -13.59 -9.24 -34.73
C SER C 201 -13.70 -10.76 -34.89
N SER C 202 -12.93 -11.51 -34.11
CA SER C 202 -12.88 -12.96 -34.25
C SER C 202 -14.16 -13.65 -33.80
N LEU C 203 -15.03 -12.97 -33.04
CA LEU C 203 -16.12 -13.68 -32.37
C LEU C 203 -17.12 -14.27 -33.36
N GLY C 204 -17.26 -13.68 -34.54
CA GLY C 204 -18.20 -14.20 -35.51
C GLY C 204 -17.67 -15.32 -36.38
N THR C 205 -16.35 -15.41 -36.53
CA THR C 205 -15.74 -16.37 -37.44
C THR C 205 -14.90 -17.44 -36.74
N GLN C 206 -14.07 -17.05 -35.77
CA GLN C 206 -13.16 -18.01 -35.15
C GLN C 206 -13.86 -18.85 -34.09
N THR C 207 -13.57 -20.15 -34.11
CA THR C 207 -14.13 -21.09 -33.14
C THR C 207 -13.14 -21.26 -31.99
N TYR C 208 -13.66 -21.19 -30.76
CA TYR C 208 -12.85 -21.30 -29.55
C TYR C 208 -13.34 -22.48 -28.73
N ILE C 209 -12.47 -23.46 -28.54
CA ILE C 209 -12.79 -24.68 -27.80
C ILE C 209 -11.72 -24.91 -26.75
N CYS C 210 -12.13 -25.10 -25.50
CA CYS C 210 -11.23 -25.44 -24.43
C CYS C 210 -11.21 -26.95 -24.23
N ASN C 211 -10.01 -27.50 -24.05
CA ASN C 211 -9.81 -28.93 -23.90
C ASN C 211 -9.35 -29.21 -22.48
N VAL C 212 -10.24 -29.80 -21.67
CA VAL C 212 -9.96 -30.11 -20.27
C VAL C 212 -9.59 -31.58 -20.17
N ASN C 213 -8.54 -31.86 -19.39
CA ASN C 213 -8.01 -33.20 -19.24
C ASN C 213 -7.78 -33.49 -17.77
N HIS C 214 -8.51 -34.46 -17.23
CA HIS C 214 -8.37 -34.90 -15.84
C HIS C 214 -8.01 -36.39 -15.87
N LYS C 215 -6.73 -36.68 -16.07
CA LYS C 215 -6.27 -38.06 -16.18
C LYS C 215 -6.43 -38.88 -14.90
N PRO C 216 -6.34 -38.32 -13.68
CA PRO C 216 -6.65 -39.14 -12.49
C PRO C 216 -8.00 -39.81 -12.54
N SER C 217 -8.98 -39.24 -13.25
CA SER C 217 -10.30 -39.84 -13.40
C SER C 217 -10.58 -40.25 -14.84
N ASN C 218 -9.60 -40.14 -15.74
CA ASN C 218 -9.75 -40.50 -17.15
C ASN C 218 -10.92 -39.75 -17.78
N THR C 219 -10.90 -38.43 -17.63
CA THR C 219 -11.97 -37.56 -18.11
C THR C 219 -11.39 -36.54 -19.09
N LYS C 220 -12.03 -36.40 -20.24
CA LYS C 220 -11.63 -35.43 -21.24
C LYS C 220 -12.88 -34.79 -21.83
N VAL C 221 -12.99 -33.47 -21.72
CA VAL C 221 -14.14 -32.72 -22.21
C VAL C 221 -13.64 -31.62 -23.12
N ASP C 222 -14.39 -31.37 -24.20
CA ASP C 222 -14.13 -30.27 -25.12
C ASP C 222 -15.41 -29.43 -25.21
N LYS C 223 -15.29 -28.14 -24.87
CA LYS C 223 -16.44 -27.25 -24.79
C LYS C 223 -16.23 -26.09 -25.76
N LYS C 224 -17.14 -25.94 -26.71
CA LYS C 224 -17.12 -24.81 -27.64
C LYS C 224 -17.75 -23.60 -26.97
N VAL C 225 -16.98 -22.52 -26.87
CA VAL C 225 -17.42 -21.31 -26.18
C VAL C 225 -17.94 -20.32 -27.22
N GLU C 226 -19.25 -20.12 -27.24
CA GLU C 226 -19.87 -19.19 -28.19
C GLU C 226 -20.26 -17.89 -27.50
N GLN D 1 9.94 -27.45 18.43
CA GLN D 1 10.51 -26.12 18.45
C GLN D 1 9.77 -25.20 17.48
N SER D 2 9.48 -23.98 17.93
CA SER D 2 8.77 -23.02 17.09
C SER D 2 9.69 -22.50 15.98
N ALA D 3 9.08 -22.14 14.86
CA ALA D 3 9.84 -21.73 13.69
C ALA D 3 10.58 -20.42 13.93
N LEU D 4 11.75 -20.30 13.31
CA LEU D 4 12.52 -19.07 13.41
C LEU D 4 11.79 -17.94 12.72
N THR D 5 11.90 -16.74 13.29
CA THR D 5 11.12 -15.59 12.85
C THR D 5 11.81 -14.90 11.69
N GLN D 6 11.13 -14.83 10.54
CA GLN D 6 11.56 -14.10 9.37
C GLN D 6 10.49 -13.09 8.96
N PRO D 7 10.89 -11.96 8.37
CA PRO D 7 9.89 -11.07 7.79
C PRO D 7 9.20 -11.73 6.61
N ARG D 8 7.90 -11.47 6.47
CA ARG D 8 7.15 -12.12 5.39
C ARG D 8 7.54 -11.56 4.03
N SER D 9 8.03 -10.32 3.97
CA SER D 9 8.26 -9.64 2.71
C SER D 9 9.40 -8.64 2.84
N VAL D 10 10.29 -8.64 1.86
CA VAL D 10 11.30 -7.60 1.71
C VAL D 10 11.35 -7.21 0.24
N SER D 11 11.58 -5.92 -0.02
CA SER D 11 11.63 -5.39 -1.37
C SER D 11 12.95 -4.65 -1.57
N GLY D 12 13.44 -4.67 -2.81
CA GLY D 12 14.71 -4.04 -3.11
C GLY D 12 14.74 -3.48 -4.51
N SER D 13 15.71 -2.60 -4.75
CA SER D 13 15.96 -1.98 -6.04
C SER D 13 16.88 -2.86 -6.88
N PRO D 14 16.63 -2.93 -8.19
CA PRO D 14 17.52 -3.70 -9.07
C PRO D 14 18.93 -3.14 -9.03
N GLY D 15 19.88 -3.99 -8.65
CA GLY D 15 21.26 -3.58 -8.47
C GLY D 15 21.63 -3.13 -7.08
N GLN D 16 20.64 -2.88 -6.21
CA GLN D 16 20.90 -2.45 -4.85
C GLN D 16 20.98 -3.68 -3.94
N SER D 17 21.03 -3.46 -2.63
CA SER D 17 21.18 -4.52 -1.64
C SER D 17 19.91 -4.68 -0.82
N VAL D 18 19.71 -5.90 -0.31
CA VAL D 18 18.60 -6.19 0.57
C VAL D 18 19.07 -7.24 1.57
N THR D 19 18.46 -7.26 2.75
CA THR D 19 18.86 -8.15 3.82
C THR D 19 17.64 -8.78 4.46
N ILE D 20 17.71 -10.08 4.71
CA ILE D 20 16.62 -10.85 5.30
C ILE D 20 17.07 -11.28 6.69
N SER D 21 16.26 -10.95 7.70
CA SER D 21 16.56 -11.33 9.07
C SER D 21 15.95 -12.68 9.40
N CYS D 22 16.59 -13.38 10.33
CA CYS D 22 16.09 -14.66 10.83
C CYS D 22 16.41 -14.74 12.32
N THR D 23 15.39 -14.60 13.15
CA THR D 23 15.57 -14.53 14.60
C THR D 23 15.19 -15.87 15.25
N GLY D 24 16.11 -16.41 16.04
CA GLY D 24 15.84 -17.61 16.82
C GLY D 24 16.02 -17.37 18.30
N THR D 25 16.44 -18.40 19.04
CA THR D 25 16.63 -18.30 20.48
C THR D 25 18.09 -18.57 20.83
N SER D 26 18.37 -18.56 22.13
CA SER D 26 19.71 -18.84 22.63
C SER D 26 20.08 -20.32 22.50
N ASN D 27 19.18 -21.17 22.04
CA ASN D 27 19.43 -22.60 21.91
C ASN D 27 19.65 -23.04 20.46
N ASP D 28 19.55 -22.13 19.50
CA ASP D 28 19.75 -22.48 18.10
C ASP D 28 20.61 -21.44 17.39
N VAL D 29 20.01 -20.35 16.92
CA VAL D 29 20.74 -19.33 16.18
C VAL D 29 21.83 -18.71 17.05
N GLY D 30 21.51 -18.40 18.31
CA GLY D 30 22.49 -17.81 19.21
C GLY D 30 23.48 -18.81 19.80
N TYR D 31 23.16 -20.10 19.73
CA TYR D 31 24.02 -21.12 20.31
C TYR D 31 25.06 -21.63 19.33
N TYR D 32 24.63 -22.01 18.13
CA TYR D 32 25.52 -22.52 17.10
C TYR D 32 25.77 -21.46 16.03
N ASP D 33 26.84 -21.68 15.27
CA ASP D 33 27.11 -20.94 14.04
C ASP D 33 26.84 -21.80 12.81
N HIS D 34 25.75 -22.58 12.86
CA HIS D 34 25.36 -23.44 11.76
C HIS D 34 24.03 -23.00 11.17
N VAL D 35 23.97 -21.77 10.69
CA VAL D 35 22.77 -21.22 10.06
C VAL D 35 22.91 -21.37 8.55
N SER D 36 21.91 -22.01 7.94
CA SER D 36 21.88 -22.21 6.50
C SER D 36 20.71 -21.45 5.89
N TRP D 37 20.87 -21.09 4.61
CA TRP D 37 19.83 -20.39 3.87
C TRP D 37 19.50 -21.16 2.61
N TYR D 38 18.25 -21.05 2.18
CA TYR D 38 17.75 -21.84 1.05
C TYR D 38 16.86 -20.96 0.18
N GLN D 39 17.08 -21.01 -1.13
CA GLN D 39 16.33 -20.24 -2.11
C GLN D 39 15.39 -21.17 -2.85
N GLN D 40 14.12 -20.78 -2.96
CA GLN D 40 13.10 -21.60 -3.60
C GLN D 40 12.31 -20.75 -4.59
N HIS D 41 12.39 -21.10 -5.87
CA HIS D 41 11.58 -20.50 -6.91
C HIS D 41 10.26 -21.23 -7.03
N PRO D 42 9.24 -20.59 -7.63
CA PRO D 42 7.92 -21.22 -7.71
C PRO D 42 7.97 -22.57 -8.42
N GLY D 43 7.36 -23.56 -7.80
CA GLY D 43 7.29 -24.90 -8.36
C GLY D 43 8.58 -25.69 -8.35
N LYS D 44 9.61 -25.19 -7.67
CA LYS D 44 10.91 -25.85 -7.64
C LYS D 44 11.25 -26.26 -6.21
N ALA D 45 12.30 -27.07 -6.09
CA ALA D 45 12.81 -27.49 -4.80
C ALA D 45 13.73 -26.42 -4.22
N PRO D 46 13.89 -26.40 -2.90
CA PRO D 46 14.81 -25.43 -2.29
C PRO D 46 16.23 -25.63 -2.78
N LYS D 47 16.96 -24.52 -2.89
CA LYS D 47 18.34 -24.53 -3.37
C LYS D 47 19.26 -24.11 -2.24
N PHE D 48 20.26 -24.95 -1.96
CA PHE D 48 21.24 -24.70 -0.92
C PHE D 48 22.17 -23.58 -1.34
N ILE D 49 22.12 -22.44 -0.64
CA ILE D 49 22.89 -21.27 -1.04
C ILE D 49 23.80 -20.73 0.05
N ILE D 50 23.56 -20.99 1.33
CA ILE D 50 24.39 -20.48 2.41
C ILE D 50 24.44 -21.54 3.52
N TYR D 51 25.60 -21.69 4.14
CA TYR D 51 25.74 -22.53 5.33
C TYR D 51 26.76 -21.92 6.27
N ASP D 52 26.70 -22.36 7.53
CA ASP D 52 27.60 -21.89 8.57
C ASP D 52 27.64 -20.36 8.62
N VAL D 53 26.44 -19.77 8.66
CA VAL D 53 26.23 -18.33 8.78
C VAL D 53 26.70 -17.60 7.53
N SER D 54 27.97 -17.75 7.17
CA SER D 54 28.56 -16.95 6.10
C SER D 54 29.22 -17.74 4.99
N LYS D 55 29.37 -19.06 5.11
CA LYS D 55 30.07 -19.83 4.09
C LYS D 55 29.16 -20.08 2.89
N ARG D 56 29.76 -20.11 1.70
CA ARG D 56 29.06 -20.18 0.44
C ARG D 56 29.45 -21.43 -0.33
N PRO D 57 28.49 -22.22 -0.80
CA PRO D 57 28.82 -23.41 -1.59
C PRO D 57 29.33 -23.03 -2.97
N SER D 58 29.80 -24.05 -3.69
CA SER D 58 30.28 -23.85 -5.05
C SER D 58 29.12 -23.58 -5.99
N GLY D 59 29.27 -22.56 -6.84
CA GLY D 59 28.27 -22.18 -7.81
C GLY D 59 27.43 -20.99 -7.40
N VAL D 60 27.29 -20.74 -6.10
CA VAL D 60 26.49 -19.61 -5.62
C VAL D 60 27.29 -18.33 -5.84
N PRO D 61 26.71 -17.31 -6.48
CA PRO D 61 27.45 -16.06 -6.69
C PRO D 61 27.83 -15.39 -5.39
N ASP D 62 28.93 -14.64 -5.42
CA ASP D 62 29.42 -13.95 -4.23
C ASP D 62 28.56 -12.78 -3.82
N ARG D 63 27.47 -12.48 -4.55
CA ARG D 63 26.55 -11.45 -4.12
C ARG D 63 25.77 -11.85 -2.88
N PHE D 64 25.63 -13.15 -2.62
CA PHE D 64 24.93 -13.64 -1.44
C PHE D 64 25.92 -13.75 -0.28
N SER D 65 25.63 -13.07 0.81
CA SER D 65 26.48 -13.09 2.00
C SER D 65 25.61 -13.30 3.23
N GLY D 66 26.26 -13.66 4.32
CA GLY D 66 25.54 -13.92 5.57
C GLY D 66 26.31 -13.39 6.76
N SER D 67 25.56 -13.09 7.82
CA SER D 67 26.13 -12.60 9.06
C SER D 67 25.21 -13.00 10.21
N LYS D 68 25.72 -12.86 11.43
CA LYS D 68 24.98 -13.23 12.63
C LYS D 68 25.30 -12.26 13.75
N SER D 69 24.27 -11.87 14.50
CA SER D 69 24.42 -10.96 15.64
C SER D 69 23.47 -11.42 16.72
N ASP D 70 24.02 -11.91 17.84
CA ASP D 70 23.24 -12.37 18.99
C ASP D 70 22.36 -13.54 18.54
N ASN D 71 21.05 -13.48 18.69
CA ASN D 71 20.16 -14.58 18.33
C ASN D 71 19.55 -14.41 16.94
N THR D 72 20.13 -13.56 16.11
CA THR D 72 19.58 -13.25 14.79
C THR D 72 20.65 -13.38 13.73
N ALA D 73 20.34 -14.13 12.67
CA ALA D 73 21.18 -14.23 11.49
C ALA D 73 20.53 -13.47 10.35
N SER D 74 21.34 -13.13 9.34
CA SER D 74 20.86 -12.31 8.24
C SER D 74 21.52 -12.72 6.93
N LEU D 75 20.72 -12.77 5.87
CA LEU D 75 21.19 -13.03 4.52
C LEU D 75 21.07 -11.75 3.70
N THR D 76 22.17 -11.36 3.06
CA THR D 76 22.23 -10.14 2.28
C THR D 76 22.44 -10.47 0.81
N ILE D 77 21.57 -9.94 -0.04
CA ILE D 77 21.65 -10.13 -1.48
C ILE D 77 22.01 -8.78 -2.09
N SER D 78 23.28 -8.60 -2.43
CA SER D 78 23.75 -7.38 -3.07
C SER D 78 23.61 -7.49 -4.58
N GLY D 79 23.41 -6.34 -5.23
CA GLY D 79 23.20 -6.31 -6.67
C GLY D 79 21.99 -7.13 -7.08
N LEU D 80 20.82 -6.73 -6.61
CA LEU D 80 19.61 -7.50 -6.84
C LEU D 80 19.28 -7.56 -8.32
N GLN D 81 18.96 -8.76 -8.80
CA GLN D 81 18.55 -8.99 -10.17
C GLN D 81 17.17 -9.65 -10.19
N ALA D 82 16.54 -9.64 -11.37
CA ALA D 82 15.18 -10.14 -11.49
C ALA D 82 15.07 -11.62 -11.10
N GLU D 83 16.14 -12.38 -11.29
CA GLU D 83 16.12 -13.80 -10.96
C GLU D 83 16.12 -14.06 -9.46
N ASP D 84 16.44 -13.06 -8.64
CA ASP D 84 16.46 -13.23 -7.20
C ASP D 84 15.06 -13.26 -6.58
N GLU D 85 14.03 -12.96 -7.36
CA GLU D 85 12.65 -13.00 -6.86
C GLU D 85 12.29 -14.44 -6.53
N ALA D 86 12.35 -14.77 -5.24
CA ALA D 86 12.06 -16.12 -4.78
C ALA D 86 11.83 -16.08 -3.27
N ASP D 87 11.39 -17.20 -2.73
CA ASP D 87 11.24 -17.36 -1.29
C ASP D 87 12.55 -17.82 -0.69
N TYR D 88 12.87 -17.30 0.50
CA TYR D 88 14.12 -17.62 1.17
C TYR D 88 13.81 -18.09 2.58
N TYR D 89 14.33 -19.26 2.94
CA TYR D 89 14.09 -19.88 4.24
C TYR D 89 15.41 -20.00 4.98
N CYS D 90 15.45 -19.52 6.22
CA CYS D 90 16.62 -19.80 7.05
C CYS D 90 16.44 -21.13 7.77
N CYS D 91 17.51 -21.59 8.41
CA CYS D 91 17.51 -22.87 9.10
C CYS D 91 18.75 -22.94 9.97
N SER D 92 18.58 -23.40 11.21
CA SER D 92 19.67 -23.49 12.16
C SER D 92 19.66 -24.85 12.84
N PHE D 93 20.85 -25.38 13.09
CA PHE D 93 20.98 -26.58 13.92
C PHE D 93 20.48 -26.28 15.32
N ALA D 94 19.83 -27.27 15.94
CA ALA D 94 19.20 -27.07 17.24
C ALA D 94 19.67 -28.08 18.28
N GLY D 95 20.70 -28.85 18.00
CA GLY D 95 21.22 -29.78 19.00
C GLY D 95 20.61 -31.16 18.88
N SER D 96 21.44 -32.16 19.19
CA SER D 96 21.07 -33.58 19.14
C SER D 96 20.34 -33.93 17.83
N TYR D 97 20.99 -33.60 16.72
CA TYR D 97 20.54 -33.97 15.38
C TYR D 97 19.13 -33.42 15.10
N THR D 98 19.01 -32.09 15.20
CA THR D 98 17.74 -31.42 15.00
C THR D 98 17.96 -30.10 14.30
N TYR D 99 17.10 -29.78 13.35
CA TYR D 99 17.10 -28.50 12.65
C TYR D 99 15.76 -27.81 12.84
N VAL D 100 15.79 -26.48 12.75
CA VAL D 100 14.58 -25.65 12.84
C VAL D 100 14.62 -24.66 11.68
N PHE D 101 13.60 -24.72 10.82
CA PHE D 101 13.52 -23.84 9.67
C PHE D 101 12.83 -22.53 10.03
N GLY D 102 13.07 -21.51 9.21
CA GLY D 102 12.40 -20.23 9.37
C GLY D 102 11.06 -20.20 8.66
N THR D 103 10.31 -19.13 8.92
CA THR D 103 8.97 -18.99 8.34
C THR D 103 9.01 -18.67 6.86
N GLY D 104 10.12 -18.12 6.35
CA GLY D 104 10.23 -17.82 4.94
C GLY D 104 10.00 -16.36 4.60
N THR D 105 10.78 -15.84 3.65
CA THR D 105 10.69 -14.44 3.24
C THR D 105 10.57 -14.37 1.72
N LYS D 106 9.58 -13.63 1.24
CA LYS D 106 9.40 -13.41 -0.19
C LYS D 106 10.17 -12.16 -0.60
N VAL D 107 11.05 -12.32 -1.59
CA VAL D 107 11.88 -11.22 -2.08
C VAL D 107 11.29 -10.73 -3.40
N THR D 108 10.96 -9.45 -3.47
CA THR D 108 10.45 -8.82 -4.67
C THR D 108 11.46 -7.82 -5.20
N VAL D 109 11.73 -7.88 -6.50
CA VAL D 109 12.59 -6.92 -7.18
C VAL D 109 11.68 -5.88 -7.83
N LEU D 110 11.66 -4.69 -7.25
CA LEU D 110 10.73 -3.63 -7.68
C LEU D 110 11.34 -2.89 -8.87
N GLY D 111 10.80 -3.17 -10.05
CA GLY D 111 11.23 -2.47 -11.26
C GLY D 111 10.09 -2.22 -12.21
N GLN D 112 9.10 -3.11 -12.19
CA GLN D 112 7.95 -2.96 -13.07
C GLN D 112 7.05 -1.83 -12.56
N PRO D 113 6.53 -0.98 -13.45
CA PRO D 113 5.62 0.07 -13.01
C PRO D 113 4.28 -0.48 -12.54
N LYS D 114 3.54 0.36 -11.82
CA LYS D 114 2.25 -0.02 -11.29
C LYS D 114 1.23 -0.16 -12.42
N ALA D 115 0.48 -1.26 -12.42
CA ALA D 115 -0.53 -1.53 -13.43
C ALA D 115 -1.88 -1.71 -12.75
N ASN D 116 -2.90 -1.02 -13.27
CA ASN D 116 -4.23 -1.12 -12.70
C ASN D 116 -4.92 -2.39 -13.18
N PRO D 117 -5.74 -3.01 -12.33
CA PRO D 117 -6.35 -4.29 -12.68
C PRO D 117 -7.49 -4.14 -13.67
N THR D 118 -7.62 -5.15 -14.53
CA THR D 118 -8.77 -5.29 -15.43
C THR D 118 -9.66 -6.39 -14.87
N VAL D 119 -10.92 -6.05 -14.61
CA VAL D 119 -11.86 -6.95 -13.96
C VAL D 119 -12.90 -7.40 -14.98
N THR D 120 -13.12 -8.72 -15.04
CA THR D 120 -14.12 -9.31 -15.91
C THR D 120 -15.01 -10.22 -15.07
N LEU D 121 -16.31 -9.95 -15.08
CA LEU D 121 -17.28 -10.70 -14.29
C LEU D 121 -18.18 -11.50 -15.22
N PHE D 122 -18.17 -12.83 -15.05
CA PHE D 122 -18.98 -13.72 -15.89
C PHE D 122 -20.19 -14.18 -15.11
N PRO D 123 -21.39 -14.08 -15.68
CA PRO D 123 -22.58 -14.64 -15.03
C PRO D 123 -22.62 -16.15 -15.19
N PRO D 124 -23.51 -16.84 -14.48
CA PRO D 124 -23.62 -18.30 -14.66
C PRO D 124 -24.03 -18.63 -16.10
N SER D 125 -23.44 -19.71 -16.61
CA SER D 125 -23.75 -20.17 -17.95
C SER D 125 -25.10 -20.87 -17.98
N SER D 126 -25.69 -20.95 -19.18
CA SER D 126 -26.94 -21.67 -19.34
C SER D 126 -26.75 -23.16 -19.06
N GLU D 127 -25.58 -23.70 -19.35
CA GLU D 127 -25.31 -25.10 -19.07
C GLU D 127 -25.31 -25.37 -17.57
N GLU D 128 -24.66 -24.49 -16.80
CA GLU D 128 -24.60 -24.69 -15.35
C GLU D 128 -25.97 -24.46 -14.70
N LEU D 129 -26.73 -23.50 -15.22
CA LEU D 129 -28.06 -23.25 -14.67
C LEU D 129 -28.97 -24.46 -14.85
N GLN D 130 -28.87 -25.14 -16.00
CA GLN D 130 -29.63 -26.36 -16.20
C GLN D 130 -29.08 -27.53 -15.41
N ALA D 131 -27.85 -27.41 -14.90
CA ALA D 131 -27.28 -28.39 -13.99
C ALA D 131 -27.57 -28.07 -12.53
N ASN D 132 -28.48 -27.12 -12.28
CA ASN D 132 -28.90 -26.74 -10.92
C ASN D 132 -27.73 -26.17 -10.12
N LYS D 133 -26.87 -25.39 -10.80
CA LYS D 133 -25.79 -24.67 -10.16
C LYS D 133 -25.69 -23.28 -10.78
N ALA D 134 -25.07 -22.37 -10.04
CA ALA D 134 -24.91 -21.00 -10.52
C ALA D 134 -23.65 -20.42 -9.89
N THR D 135 -22.60 -20.26 -10.69
CA THR D 135 -21.31 -19.77 -10.22
C THR D 135 -20.99 -18.46 -10.92
N LEU D 136 -20.67 -17.44 -10.13
CA LEU D 136 -20.21 -16.15 -10.65
C LEU D 136 -18.68 -16.12 -10.61
N VAL D 137 -18.07 -15.76 -11.73
CA VAL D 137 -16.62 -15.79 -11.89
C VAL D 137 -16.13 -14.36 -12.08
N CYS D 138 -15.28 -13.90 -11.15
CA CYS D 138 -14.70 -12.58 -11.20
C CYS D 138 -13.20 -12.72 -11.47
N LEU D 139 -12.78 -12.38 -12.68
CA LEU D 139 -11.39 -12.55 -13.10
C LEU D 139 -10.69 -11.19 -13.07
N ILE D 140 -9.53 -11.16 -12.42
CA ILE D 140 -8.73 -9.94 -12.27
C ILE D 140 -7.38 -10.18 -12.91
N SER D 141 -6.98 -9.27 -13.81
CA SER D 141 -5.80 -9.49 -14.62
C SER D 141 -4.98 -8.20 -14.75
N ASP D 142 -3.70 -8.39 -15.08
CA ASP D 142 -2.81 -7.32 -15.51
C ASP D 142 -2.68 -6.22 -14.46
N PHE D 143 -2.36 -6.62 -13.23
CA PHE D 143 -2.13 -5.67 -12.15
C PHE D 143 -0.79 -5.94 -11.49
N TYR D 144 -0.20 -4.87 -10.94
CA TYR D 144 1.08 -4.93 -10.26
C TYR D 144 1.13 -3.75 -9.30
N PRO D 145 1.55 -3.96 -8.03
CA PRO D 145 2.00 -5.22 -7.45
C PRO D 145 0.86 -6.22 -7.21
N GLY D 146 1.22 -7.45 -6.87
CA GLY D 146 0.24 -8.52 -6.73
C GLY D 146 -0.45 -8.57 -5.38
N ALA D 147 -1.24 -7.54 -5.08
CA ALA D 147 -2.01 -7.49 -3.83
C ALA D 147 -3.36 -6.87 -4.13
N VAL D 148 -4.42 -7.65 -3.95
CA VAL D 148 -5.78 -7.19 -4.20
C VAL D 148 -6.71 -7.79 -3.14
N THR D 149 -7.82 -7.10 -2.91
CA THR D 149 -8.90 -7.59 -2.07
C THR D 149 -10.19 -7.58 -2.86
N VAL D 150 -11.01 -8.61 -2.68
CA VAL D 150 -12.23 -8.80 -3.44
C VAL D 150 -13.42 -8.76 -2.49
N ALA D 151 -14.49 -8.09 -2.92
CA ALA D 151 -15.72 -8.00 -2.13
C ALA D 151 -16.91 -8.20 -3.06
N TRP D 152 -17.81 -9.10 -2.67
CA TRP D 152 -19.02 -9.38 -3.44
C TRP D 152 -20.23 -8.71 -2.78
N LYS D 153 -21.18 -8.30 -3.61
CA LYS D 153 -22.39 -7.65 -3.14
C LYS D 153 -23.58 -8.12 -3.96
N ALA D 154 -24.70 -8.34 -3.27
CA ALA D 154 -25.98 -8.69 -3.90
C ALA D 154 -26.99 -7.63 -3.50
N ASP D 155 -27.44 -6.84 -4.48
CA ASP D 155 -28.34 -5.72 -4.25
C ASP D 155 -27.76 -4.74 -3.23
N GLY D 156 -26.43 -4.56 -3.29
CA GLY D 156 -25.73 -3.70 -2.36
C GLY D 156 -25.30 -4.37 -1.07
N SER D 157 -25.96 -5.45 -0.67
CA SER D 157 -25.61 -6.12 0.58
C SER D 157 -24.35 -6.95 0.39
N PRO D 158 -23.39 -6.87 1.30
CA PRO D 158 -22.18 -7.69 1.17
C PRO D 158 -22.50 -9.17 1.29
N VAL D 159 -21.75 -9.99 0.54
CA VAL D 159 -21.91 -11.43 0.54
C VAL D 159 -20.54 -12.06 0.78
N LYS D 160 -20.46 -12.92 1.78
CA LYS D 160 -19.22 -13.61 2.11
C LYS D 160 -19.32 -15.13 2.06
N ALA D 161 -20.51 -15.69 2.26
CA ALA D 161 -20.68 -17.14 2.18
C ALA D 161 -20.58 -17.60 0.74
N GLY D 162 -19.96 -18.77 0.55
CA GLY D 162 -19.81 -19.32 -0.78
C GLY D 162 -18.82 -18.60 -1.66
N VAL D 163 -17.85 -17.90 -1.07
CA VAL D 163 -16.86 -17.14 -1.81
C VAL D 163 -15.50 -17.80 -1.65
N GLU D 164 -14.79 -17.98 -2.76
CA GLU D 164 -13.43 -18.49 -2.77
C GLU D 164 -12.59 -17.62 -3.69
N THR D 165 -11.41 -17.22 -3.20
CA THR D 165 -10.53 -16.32 -3.95
C THR D 165 -9.12 -16.89 -3.96
N THR D 166 -8.51 -16.94 -5.14
CA THR D 166 -7.15 -17.42 -5.27
C THR D 166 -6.16 -16.31 -4.94
N LYS D 167 -4.96 -16.71 -4.55
CA LYS D 167 -3.88 -15.76 -4.36
C LYS D 167 -3.36 -15.31 -5.73
N PRO D 168 -2.92 -14.05 -5.83
CA PRO D 168 -2.42 -13.55 -7.12
C PRO D 168 -1.22 -14.35 -7.60
N SER D 169 -1.11 -14.47 -8.92
CA SER D 169 -0.04 -15.22 -9.55
C SER D 169 0.40 -14.51 -10.82
N LYS D 170 1.68 -14.68 -11.15
CA LYS D 170 2.24 -14.01 -12.32
C LYS D 170 1.66 -14.58 -13.60
N GLN D 171 1.41 -13.71 -14.56
CA GLN D 171 0.99 -14.09 -15.89
C GLN D 171 2.22 -14.30 -16.78
N SER D 172 1.99 -14.41 -18.09
CA SER D 172 3.09 -14.55 -19.04
C SER D 172 3.75 -13.21 -19.35
N ASN D 173 3.07 -12.10 -19.07
CA ASN D 173 3.63 -10.77 -19.25
C ASN D 173 4.21 -10.20 -17.95
N ASN D 174 4.50 -11.06 -16.98
CA ASN D 174 5.08 -10.74 -15.68
C ASN D 174 4.14 -9.95 -14.78
N LYS D 175 2.92 -9.65 -15.22
CA LYS D 175 1.94 -9.01 -14.35
C LYS D 175 1.23 -10.09 -13.52
N TYR D 176 0.31 -9.66 -12.67
CA TYR D 176 -0.38 -10.56 -11.76
C TYR D 176 -1.84 -10.76 -12.15
N ALA D 177 -2.40 -11.89 -11.73
CA ALA D 177 -3.79 -12.23 -12.00
C ALA D 177 -4.36 -12.97 -10.81
N ALA D 178 -5.66 -12.78 -10.57
CA ALA D 178 -6.35 -13.42 -9.47
C ALA D 178 -7.78 -13.78 -9.90
N SER D 179 -8.38 -14.70 -9.16
CA SER D 179 -9.73 -15.17 -9.45
C SER D 179 -10.53 -15.27 -8.16
N SER D 180 -11.83 -15.03 -8.28
CA SER D 180 -12.75 -15.17 -7.15
C SER D 180 -14.07 -15.73 -7.66
N TYR D 181 -14.68 -16.62 -6.87
CA TYR D 181 -15.91 -17.29 -7.25
C TYR D 181 -16.99 -17.06 -6.21
N LEU D 182 -18.23 -16.94 -6.67
CA LEU D 182 -19.41 -16.91 -5.80
C LEU D 182 -20.34 -18.01 -6.28
N SER D 183 -20.27 -19.17 -5.63
CA SER D 183 -21.02 -20.34 -6.06
C SER D 183 -22.37 -20.37 -5.35
N LEU D 184 -23.43 -20.18 -6.13
CA LEU D 184 -24.79 -20.21 -5.62
C LEU D 184 -25.58 -21.31 -6.33
N THR D 185 -26.89 -21.29 -6.13
CA THR D 185 -27.84 -22.10 -6.87
C THR D 185 -28.70 -21.20 -7.75
N PRO D 186 -29.30 -21.75 -8.82
CA PRO D 186 -30.16 -20.93 -9.67
C PRO D 186 -31.30 -20.25 -8.90
N GLU D 187 -31.85 -20.91 -7.87
CA GLU D 187 -32.91 -20.29 -7.09
C GLU D 187 -32.41 -19.05 -6.36
N GLN D 188 -31.24 -19.16 -5.73
CA GLN D 188 -30.66 -18.00 -5.05
C GLN D 188 -30.12 -16.98 -6.04
N TRP D 189 -29.63 -17.43 -7.18
CA TRP D 189 -29.11 -16.51 -8.19
C TRP D 189 -30.21 -15.62 -8.75
N LYS D 190 -31.42 -16.15 -8.87
CA LYS D 190 -32.57 -15.36 -9.31
C LYS D 190 -33.20 -14.55 -8.18
N SER D 191 -32.72 -14.73 -6.94
CA SER D 191 -33.32 -14.05 -5.80
C SER D 191 -32.93 -12.58 -5.72
N HIS D 192 -31.89 -12.16 -6.43
CA HIS D 192 -31.40 -10.79 -6.35
C HIS D 192 -31.33 -10.18 -7.74
N ARG D 193 -31.56 -8.88 -7.81
CA ARG D 193 -31.60 -8.19 -9.10
C ARG D 193 -30.21 -7.87 -9.61
N SER D 194 -29.23 -7.68 -8.73
CA SER D 194 -27.91 -7.23 -9.14
C SER D 194 -26.84 -7.91 -8.28
N TYR D 195 -25.73 -8.27 -8.92
CA TYR D 195 -24.56 -8.81 -8.25
C TYR D 195 -23.32 -8.04 -8.70
N SER D 196 -22.46 -7.68 -7.76
CA SER D 196 -21.29 -6.88 -8.07
C SER D 196 -20.04 -7.50 -7.43
N CYS D 197 -18.92 -7.40 -8.14
CA CYS D 197 -17.62 -7.82 -7.66
C CYS D 197 -16.70 -6.61 -7.63
N GLN D 198 -16.25 -6.24 -6.43
CA GLN D 198 -15.42 -5.06 -6.25
C GLN D 198 -13.99 -5.47 -5.91
N VAL D 199 -13.04 -4.99 -6.69
CA VAL D 199 -11.62 -5.29 -6.52
C VAL D 199 -10.90 -4.01 -6.11
N THR D 200 -10.19 -4.06 -4.99
CA THR D 200 -9.43 -2.93 -4.48
C THR D 200 -7.95 -3.21 -4.69
N HIS D 201 -7.28 -2.33 -5.43
CA HIS D 201 -5.86 -2.50 -5.75
C HIS D 201 -5.17 -1.15 -5.61
N GLU D 202 -4.21 -1.07 -4.69
CA GLU D 202 -3.43 0.15 -4.45
C GLU D 202 -4.34 1.35 -4.15
N GLY D 203 -5.34 1.13 -3.31
CA GLY D 203 -6.22 2.19 -2.88
C GLY D 203 -7.28 2.62 -3.87
N SER D 204 -7.42 1.91 -4.99
CA SER D 204 -8.43 2.22 -5.99
C SER D 204 -9.35 1.02 -6.15
N THR D 205 -10.66 1.27 -6.17
CA THR D 205 -11.68 0.23 -6.21
C THR D 205 -12.33 0.18 -7.58
N VAL D 206 -12.28 -0.97 -8.22
CA VAL D 206 -12.92 -1.21 -9.51
C VAL D 206 -14.07 -2.18 -9.30
N GLU D 207 -15.19 -1.94 -9.99
CA GLU D 207 -16.41 -2.69 -9.80
C GLU D 207 -16.98 -3.16 -11.13
N LYS D 208 -17.40 -4.42 -11.17
CA LYS D 208 -18.12 -4.99 -12.30
C LYS D 208 -19.41 -5.63 -11.79
N THR D 209 -20.46 -5.56 -12.60
CA THR D 209 -21.79 -5.95 -12.15
C THR D 209 -22.50 -6.75 -13.24
N VAL D 210 -23.14 -7.84 -12.84
CA VAL D 210 -23.99 -8.65 -13.70
C VAL D 210 -25.38 -8.71 -13.07
N ALA D 211 -26.36 -9.13 -13.87
CA ALA D 211 -27.74 -9.20 -13.41
C ALA D 211 -28.46 -10.37 -14.08
N PRO D 212 -29.33 -11.06 -13.35
CA PRO D 212 -30.06 -12.19 -13.95
C PRO D 212 -31.07 -11.71 -14.99
N THR D 213 -31.28 -12.55 -16.00
CA THR D 213 -32.22 -12.26 -17.07
C THR D 213 -33.66 -12.42 -16.60
#